data_6P82
#
_entry.id   6P82
#
_cell.length_a   104.589
_cell.length_b   117.387
_cell.length_c   147.804
_cell.angle_alpha   90.00
_cell.angle_beta   90.00
_cell.angle_gamma   90.00
#
_symmetry.space_group_name_H-M   'P 2 21 21'
#
loop_
_entity.id
_entity.type
_entity.pdbx_description
1 polymer Nucleotidyltransferase
2 non-polymer 'SULFATE ION'
3 water water
#
_entity_poly.entity_id   1
_entity_poly.type   'polypeptide(L)'
_entity_poly.pdbx_seq_one_letter_code
;SNALSIDEAFRKFKSRLELNEREQKNASQRQNEVRDYLQTKFGIARSFLTGSYARYTKTKPLKDIDIFFVLKDSEKHYHG
KAASVVLDDFHSALVEKYGSAAVRKQARSINVDFGVHIDAEDNTDYRVVSVDAVPAFDTGDQYEIPDTASGKWIKTDPEI
HKDKATAAHQAYANEWKGLVR(MSE)VKYWNNNPKHGDLKPVKPSFLIEV(MSE)ALECLYGGWGGSFDREIQSFFATLA
DRVHDEWPDPAGLGPAISND(MSE)DAARKQRAQQLLFQASQDASIAIDHARRGRNIEALRAWRALFGPKFPLS
;
_entity_poly.pdbx_strand_id   A,B,C,D
#
loop_
_chem_comp.id
_chem_comp.type
_chem_comp.name
_chem_comp.formula
SO4 non-polymer 'SULFATE ION' 'O4 S -2'
#
# COMPACT_ATOMS: atom_id res chain seq x y z
N ALA A 3 -3.08 -20.70 -35.15
CA ALA A 3 -2.66 -19.74 -34.14
C ALA A 3 -2.50 -18.34 -34.74
N LEU A 4 -2.61 -17.33 -33.89
CA LEU A 4 -2.40 -15.95 -34.31
C LEU A 4 -0.94 -15.67 -34.55
N SER A 5 -0.60 -15.18 -35.73
CA SER A 5 0.74 -14.62 -35.91
C SER A 5 0.82 -13.25 -35.25
N ILE A 6 2.03 -12.76 -35.07
CA ILE A 6 2.22 -11.45 -34.44
C ILE A 6 1.62 -10.37 -35.32
N ASP A 7 1.91 -10.41 -36.62
CA ASP A 7 1.29 -9.46 -37.54
C ASP A 7 -0.23 -9.50 -37.45
N GLU A 8 -0.82 -10.70 -37.38
CA GLU A 8 -2.27 -10.79 -37.31
C GLU A 8 -2.81 -10.23 -35.99
N ALA A 9 -2.09 -10.47 -34.89
CA ALA A 9 -2.53 -9.91 -33.62
C ALA A 9 -2.52 -8.38 -33.66
N PHE A 10 -1.49 -7.80 -34.27
CA PHE A 10 -1.45 -6.34 -34.32
C PHE A 10 -2.51 -5.78 -35.25
N ARG A 11 -2.73 -6.40 -36.41
CA ARG A 11 -3.82 -5.96 -37.28
C ARG A 11 -5.16 -6.00 -36.55
N LYS A 12 -5.38 -7.04 -35.75
CA LYS A 12 -6.61 -7.14 -34.98
C LYS A 12 -6.67 -6.05 -33.90
N PHE A 13 -5.56 -5.85 -33.19
CA PHE A 13 -5.46 -4.77 -32.23
C PHE A 13 -5.72 -3.41 -32.89
N LYS A 14 -5.15 -3.19 -34.08
CA LYS A 14 -5.42 -1.95 -34.82
C LYS A 14 -6.89 -1.80 -35.12
N SER A 15 -7.51 -2.84 -35.67
CA SER A 15 -8.94 -2.78 -35.98
C SER A 15 -9.76 -2.42 -34.75
N ARG A 16 -9.45 -3.03 -33.60
CA ARG A 16 -10.14 -2.71 -32.36
C ARG A 16 -9.96 -1.26 -31.95
N LEU A 17 -8.89 -0.60 -32.38
CA LEU A 17 -8.69 0.79 -31.99
C LEU A 17 -9.26 1.76 -33.03
N GLU A 18 -9.85 1.25 -34.10
CA GLU A 18 -10.48 2.07 -35.10
C GLU A 18 -11.93 2.34 -34.71
N LEU A 19 -12.42 3.49 -35.15
CA LEU A 19 -13.77 3.92 -34.88
C LEU A 19 -14.75 3.14 -35.75
N ASN A 20 -15.84 2.66 -35.17
CA ASN A 20 -16.91 2.07 -35.99
C ASN A 20 -18.12 3.01 -36.03
N GLU A 21 -19.14 2.62 -36.81
CA GLU A 21 -20.28 3.52 -37.04
C GLU A 21 -21.05 3.79 -35.76
N ARG A 22 -21.34 2.74 -34.97
CA ARG A 22 -22.10 2.93 -33.76
C ARG A 22 -21.41 3.90 -32.80
N GLU A 23 -20.08 3.83 -32.72
CA GLU A 23 -19.36 4.77 -31.86
C GLU A 23 -19.51 6.19 -32.37
N GLN A 24 -19.36 6.39 -33.69
CA GLN A 24 -19.50 7.73 -34.26
C GLN A 24 -20.90 8.28 -34.06
N LYS A 25 -21.92 7.45 -34.29
CA LYS A 25 -23.28 7.87 -33.99
C LYS A 25 -23.42 8.28 -32.53
N ASN A 26 -22.82 7.52 -31.61
CA ASN A 26 -23.00 7.87 -30.20
C ASN A 26 -22.32 9.20 -29.86
N ALA A 27 -21.16 9.50 -30.47
CA ALA A 27 -20.52 10.79 -30.23
C ALA A 27 -21.39 11.94 -30.71
N SER A 28 -21.94 11.83 -31.94
CA SER A 28 -22.90 12.81 -32.45
C SER A 28 -24.09 12.98 -31.51
N GLN A 29 -24.70 11.86 -31.08
CA GLN A 29 -25.85 11.95 -30.19
C GLN A 29 -25.51 12.64 -28.88
N ARG A 30 -24.39 12.26 -28.24
CA ARG A 30 -23.97 12.97 -27.02
C ARG A 30 -23.72 14.45 -27.29
N GLN A 31 -23.10 14.78 -28.42
CA GLN A 31 -22.94 16.20 -28.80
C GLN A 31 -24.30 16.91 -28.85
N ASN A 32 -25.26 16.34 -29.59
CA ASN A 32 -26.57 16.99 -29.71
C ASN A 32 -27.25 17.14 -28.36
N GLU A 33 -27.10 16.13 -27.47
CA GLU A 33 -27.71 16.21 -26.14
C GLU A 33 -27.14 17.37 -25.34
N VAL A 34 -25.81 17.42 -25.19
CA VAL A 34 -25.20 18.47 -24.40
C VAL A 34 -25.43 19.84 -25.04
N ARG A 35 -25.42 19.90 -26.38
CA ARG A 35 -25.63 21.18 -27.06
C ARG A 35 -27.06 21.67 -26.86
N ASP A 36 -28.05 20.79 -27.06
CA ASP A 36 -29.44 21.16 -26.85
C ASP A 36 -29.68 21.62 -25.42
N TYR A 37 -29.04 21.00 -24.44
CA TYR A 37 -29.21 21.44 -23.06
C TYR A 37 -28.52 22.77 -22.83
N LEU A 38 -27.26 22.89 -23.29
CA LEU A 38 -26.54 24.14 -23.05
C LEU A 38 -27.14 25.31 -23.83
N GLN A 39 -27.80 25.04 -24.97
CA GLN A 39 -28.45 26.13 -25.71
C GLN A 39 -29.61 26.74 -24.92
N THR A 40 -30.31 25.93 -24.11
CA THR A 40 -31.38 26.47 -23.28
C THR A 40 -30.86 27.39 -22.19
N LYS A 41 -29.56 27.35 -21.90
CA LYS A 41 -29.00 28.12 -20.80
C LYS A 41 -27.91 29.09 -21.21
N PHE A 42 -27.46 29.04 -22.46
CA PHE A 42 -26.48 29.98 -22.98
C PHE A 42 -26.83 30.31 -24.42
N GLY A 43 -26.39 31.49 -24.87
CA GLY A 43 -26.46 31.77 -26.28
C GLY A 43 -25.34 31.06 -27.00
N ILE A 44 -25.66 29.95 -27.67
CA ILE A 44 -24.63 29.11 -28.30
C ILE A 44 -24.96 29.01 -29.78
N ALA A 45 -24.05 29.51 -30.62
CA ALA A 45 -24.33 29.60 -32.04
C ALA A 45 -24.28 28.23 -32.69
N ARG A 46 -23.33 27.39 -32.29
CA ARG A 46 -23.06 26.09 -32.89
C ARG A 46 -22.03 25.35 -32.05
N SER A 47 -21.84 24.07 -32.36
CA SER A 47 -20.87 23.23 -31.68
C SER A 47 -20.24 22.28 -32.69
N PHE A 48 -19.01 21.86 -32.42
CA PHE A 48 -18.40 20.86 -33.28
C PHE A 48 -17.44 20.00 -32.46
N LEU A 49 -17.30 18.75 -32.88
CA LEU A 49 -16.34 17.82 -32.31
C LEU A 49 -14.93 18.17 -32.77
N THR A 50 -13.98 18.13 -31.85
CA THR A 50 -12.62 18.50 -32.21
C THR A 50 -11.64 17.65 -31.39
N GLY A 51 -10.39 18.10 -31.31
CA GLY A 51 -9.40 17.35 -30.56
C GLY A 51 -9.02 16.07 -31.28
N SER A 52 -8.39 15.16 -30.54
CA SER A 52 -7.91 13.92 -31.14
C SER A 52 -9.04 13.10 -31.73
N TYR A 53 -10.27 13.25 -31.22
CA TYR A 53 -11.38 12.51 -31.80
C TYR A 53 -11.55 12.88 -33.27
N ALA A 54 -11.48 14.17 -33.60
CA ALA A 54 -11.70 14.58 -34.99
C ALA A 54 -10.51 14.23 -35.87
N ARG A 55 -9.32 14.11 -35.26
CA ARG A 55 -8.12 13.76 -36.02
C ARG A 55 -7.93 12.25 -36.15
N TYR A 56 -8.80 11.45 -35.52
CA TYR A 56 -8.70 9.98 -35.52
C TYR A 56 -7.42 9.50 -34.83
N THR A 57 -7.00 10.24 -33.80
CA THR A 57 -5.89 9.82 -32.96
C THR A 57 -6.31 9.61 -31.52
N LYS A 58 -7.61 9.47 -31.28
CA LYS A 58 -8.09 9.13 -29.96
C LYS A 58 -8.17 7.61 -29.84
N THR A 59 -7.84 7.09 -28.67
CA THR A 59 -7.80 5.65 -28.44
C THR A 59 -9.04 5.20 -27.68
N LYS A 60 -9.19 3.85 -27.54
CA LYS A 60 -10.38 3.30 -26.91
C LYS A 60 -10.13 3.10 -25.42
N PRO A 61 -11.17 3.19 -24.57
CA PRO A 61 -12.53 3.62 -24.89
C PRO A 61 -12.53 5.12 -25.11
N LEU A 62 -13.53 5.65 -25.81
CA LEU A 62 -13.49 7.05 -26.21
C LEU A 62 -13.86 7.93 -25.03
N LYS A 63 -12.87 8.64 -24.48
CA LYS A 63 -13.02 9.50 -23.31
C LYS A 63 -12.60 10.92 -23.65
N ASP A 64 -13.18 11.86 -22.90
CA ASP A 64 -12.77 13.27 -22.95
C ASP A 64 -12.85 13.81 -24.38
N ILE A 65 -13.95 13.53 -25.06
CA ILE A 65 -14.11 14.04 -26.43
C ILE A 65 -14.37 15.53 -26.38
N ASP A 66 -13.55 16.31 -27.08
CA ASP A 66 -13.63 17.77 -27.01
C ASP A 66 -14.78 18.26 -27.88
N ILE A 67 -15.66 19.08 -27.31
CA ILE A 67 -16.73 19.75 -28.06
C ILE A 67 -16.62 21.25 -27.81
N PHE A 68 -16.28 21.99 -28.86
CA PHE A 68 -16.26 23.45 -28.78
C PHE A 68 -17.69 23.98 -28.84
N PHE A 69 -18.06 24.81 -27.88
CA PHE A 69 -19.39 25.41 -27.85
C PHE A 69 -19.23 26.89 -28.18
N VAL A 70 -19.58 27.26 -29.41
CA VAL A 70 -19.26 28.58 -29.94
C VAL A 70 -20.34 29.56 -29.48
N LEU A 71 -19.94 30.49 -28.60
CA LEU A 71 -20.86 31.46 -28.00
C LEU A 71 -21.27 32.55 -28.97
N LYS A 72 -22.55 32.93 -28.92
CA LYS A 72 -23.11 34.02 -29.72
C LYS A 72 -22.60 35.38 -29.22
N ASP A 73 -22.88 36.41 -30.04
CA ASP A 73 -22.48 37.78 -29.67
C ASP A 73 -23.12 38.22 -28.37
N SER A 74 -24.37 37.80 -28.12
CA SER A 74 -25.03 38.14 -26.86
C SER A 74 -24.21 37.73 -25.65
N GLU A 75 -23.36 36.72 -25.79
CA GLU A 75 -22.56 36.22 -24.69
C GLU A 75 -21.16 36.83 -24.61
N LYS A 76 -20.88 37.85 -25.41
CA LYS A 76 -19.53 38.39 -25.50
C LYS A 76 -18.98 38.91 -24.18
N HIS A 77 -19.84 39.21 -23.20
CA HIS A 77 -19.34 39.68 -21.90
C HIS A 77 -18.37 38.68 -21.27
N TYR A 78 -18.55 37.38 -21.53
CA TYR A 78 -17.64 36.39 -20.97
C TYR A 78 -16.22 36.60 -21.46
N HIS A 79 -16.06 37.14 -22.67
CA HIS A 79 -14.73 37.29 -23.25
C HIS A 79 -13.90 38.29 -22.46
N GLY A 80 -14.54 39.29 -21.86
CA GLY A 80 -13.83 40.23 -21.03
C GLY A 80 -13.61 39.74 -19.61
N LYS A 81 -14.49 38.88 -19.12
CA LYS A 81 -14.32 38.40 -17.76
C LYS A 81 -13.26 37.31 -17.72
N ALA A 82 -12.80 37.00 -16.50
CA ALA A 82 -11.75 36.02 -16.29
C ALA A 82 -12.22 34.62 -16.73
N ALA A 83 -11.24 33.72 -16.83
CA ALA A 83 -11.51 32.37 -17.34
C ALA A 83 -12.53 31.64 -16.47
N SER A 84 -12.33 31.68 -15.15
CA SER A 84 -13.16 30.89 -14.24
C SER A 84 -14.64 31.28 -14.30
N VAL A 85 -14.97 32.48 -14.78
CA VAL A 85 -16.37 32.90 -14.79
C VAL A 85 -17.18 32.05 -15.77
N VAL A 86 -16.72 31.94 -17.01
CA VAL A 86 -17.43 31.13 -18.01
C VAL A 86 -17.43 29.66 -17.60
N LEU A 87 -16.29 29.17 -17.15
CA LEU A 87 -16.20 27.78 -16.74
C LEU A 87 -17.14 27.49 -15.58
N ASP A 88 -17.14 28.35 -14.56
CA ASP A 88 -18.03 28.13 -13.42
C ASP A 88 -19.49 28.11 -13.86
N ASP A 89 -19.87 29.02 -14.76
CA ASP A 89 -21.26 29.04 -15.21
C ASP A 89 -21.60 27.80 -16.02
N PHE A 90 -20.68 27.35 -16.87
CA PHE A 90 -20.91 26.09 -17.60
C PHE A 90 -20.99 24.93 -16.63
N HIS A 91 -20.06 24.87 -15.68
CA HIS A 91 -20.07 23.81 -14.67
C HIS A 91 -21.39 23.79 -13.90
N SER A 92 -21.90 24.98 -13.56
CA SER A 92 -23.12 25.05 -12.76
C SER A 92 -24.33 24.57 -13.56
N ALA A 93 -24.41 24.96 -14.85
CA ALA A 93 -25.53 24.50 -15.66
C ALA A 93 -25.48 22.98 -15.87
N LEU A 94 -24.26 22.44 -16.02
CA LEU A 94 -24.12 21.03 -16.32
C LEU A 94 -24.42 20.17 -15.09
N VAL A 95 -24.03 20.65 -13.91
CA VAL A 95 -24.38 19.96 -12.66
C VAL A 95 -25.89 19.80 -12.53
N GLU A 96 -26.65 20.87 -12.84
CA GLU A 96 -28.11 20.82 -12.72
C GLU A 96 -28.71 19.63 -13.47
N LYS A 97 -28.14 19.27 -14.61
CA LYS A 97 -28.70 18.18 -15.41
C LYS A 97 -28.04 16.84 -15.10
N TYR A 98 -26.72 16.80 -15.00
CA TYR A 98 -26.01 15.53 -14.88
C TYR A 98 -25.61 15.21 -13.46
N GLY A 99 -25.63 16.18 -12.57
CA GLY A 99 -25.34 15.92 -11.18
C GLY A 99 -23.88 16.21 -10.84
N SER A 100 -23.64 16.30 -9.54
CA SER A 100 -22.36 16.76 -9.03
C SER A 100 -21.24 15.78 -9.37
N ALA A 101 -21.49 14.48 -9.22
CA ALA A 101 -20.42 13.49 -9.36
C ALA A 101 -19.93 13.36 -10.79
N ALA A 102 -20.81 13.61 -11.77
CA ALA A 102 -20.54 13.42 -13.20
C ALA A 102 -19.85 14.60 -13.88
N VAL A 103 -19.69 15.73 -13.20
CA VAL A 103 -19.28 16.99 -13.82
C VAL A 103 -18.05 17.50 -13.09
N ARG A 104 -16.95 17.73 -13.82
CA ARG A 104 -15.67 18.15 -13.22
C ARG A 104 -15.05 19.32 -13.98
N LYS A 105 -14.79 20.42 -13.27
CA LYS A 105 -14.04 21.55 -13.83
C LYS A 105 -12.61 21.14 -14.17
N GLN A 106 -12.17 21.54 -15.35
CA GLN A 106 -10.78 21.37 -15.75
C GLN A 106 -10.26 22.74 -16.19
N ALA A 107 -8.99 22.78 -16.60
CA ALA A 107 -8.34 24.06 -16.91
C ALA A 107 -9.06 24.81 -18.01
N ARG A 108 -9.47 24.12 -19.08
CA ARG A 108 -10.02 24.78 -20.25
C ARG A 108 -11.39 24.24 -20.64
N SER A 109 -12.01 23.45 -19.77
CA SER A 109 -13.25 22.79 -20.15
C SER A 109 -13.93 22.25 -18.90
N ILE A 110 -15.16 21.77 -19.09
CA ILE A 110 -15.88 21.01 -18.08
C ILE A 110 -16.14 19.61 -18.63
N ASN A 111 -15.58 18.61 -17.93
CA ASN A 111 -15.78 17.22 -18.30
C ASN A 111 -17.15 16.77 -17.82
N VAL A 112 -17.89 16.11 -18.71
CA VAL A 112 -19.18 15.52 -18.37
C VAL A 112 -19.04 14.02 -18.57
N ASP A 113 -19.17 13.26 -17.50
CA ASP A 113 -19.08 11.81 -17.56
C ASP A 113 -20.49 11.23 -17.65
N PHE A 114 -20.74 10.44 -18.68
CA PHE A 114 -22.06 9.84 -18.86
C PHE A 114 -22.25 8.55 -18.07
N GLY A 115 -21.30 8.18 -17.21
CA GLY A 115 -21.44 6.97 -16.39
C GLY A 115 -21.76 5.71 -17.16
N VAL A 116 -21.11 5.47 -18.29
CA VAL A 116 -21.35 4.22 -19.01
C VAL A 116 -20.48 3.13 -18.41
N HIS A 117 -20.96 1.89 -18.51
CA HIS A 117 -20.23 0.75 -17.98
C HIS A 117 -19.03 0.44 -18.89
N ILE A 118 -17.84 0.39 -18.30
CA ILE A 118 -16.60 0.04 -18.98
C ILE A 118 -16.13 -1.30 -18.43
N ASP A 119 -16.06 -2.31 -19.30
CA ASP A 119 -15.70 -3.65 -18.82
C ASP A 119 -14.18 -3.81 -18.77
N ALA A 120 -13.74 -5.01 -18.37
CA ALA A 120 -12.33 -5.27 -18.19
C ALA A 120 -11.54 -5.17 -19.50
N GLU A 121 -12.17 -5.44 -20.64
CA GLU A 121 -11.49 -5.32 -21.93
C GLU A 121 -11.73 -3.97 -22.61
N ASP A 122 -12.11 -2.95 -21.83
CA ASP A 122 -12.31 -1.58 -22.32
C ASP A 122 -13.47 -1.44 -23.31
N ASN A 123 -14.43 -2.36 -23.29
CA ASN A 123 -15.61 -2.25 -24.12
C ASN A 123 -16.71 -1.51 -23.36
N THR A 124 -17.48 -0.72 -24.10
CA THR A 124 -18.57 0.08 -23.54
C THR A 124 -19.86 -0.06 -24.33
N ASP A 125 -20.01 -1.15 -25.09
CA ASP A 125 -21.10 -1.29 -26.05
C ASP A 125 -21.17 -0.09 -27.00
N TYR A 126 -20.00 0.35 -27.47
CA TYR A 126 -19.89 1.38 -28.51
C TYR A 126 -20.40 2.73 -28.03
N ARG A 127 -20.30 3.01 -26.75
CA ARG A 127 -20.73 4.29 -26.20
C ARG A 127 -19.53 5.13 -25.74
N VAL A 128 -19.59 6.44 -25.99
CA VAL A 128 -18.54 7.32 -25.53
C VAL A 128 -18.64 7.50 -24.02
N VAL A 129 -17.49 7.56 -23.35
CA VAL A 129 -17.45 7.64 -21.88
C VAL A 129 -17.74 9.05 -21.37
N SER A 130 -17.20 10.08 -22.02
CA SER A 130 -17.33 11.43 -21.50
C SER A 130 -17.01 12.45 -22.60
N VAL A 131 -17.38 13.70 -22.34
CA VAL A 131 -17.06 14.81 -23.24
C VAL A 131 -16.40 15.93 -22.45
N ASP A 132 -15.57 16.70 -23.14
CA ASP A 132 -14.98 17.93 -22.62
C ASP A 132 -15.72 19.11 -23.25
N ALA A 133 -16.50 19.83 -22.44
CA ALA A 133 -17.31 20.94 -22.93
C ALA A 133 -16.47 22.22 -22.90
N VAL A 134 -16.21 22.81 -24.07
CA VAL A 134 -15.27 23.92 -24.17
C VAL A 134 -15.98 25.18 -24.65
N PRO A 135 -16.20 26.16 -23.79
CA PRO A 135 -16.73 27.44 -24.27
C PRO A 135 -15.72 28.10 -25.21
N ALA A 136 -16.22 28.63 -26.33
CA ALA A 136 -15.31 29.16 -27.35
C ALA A 136 -15.92 30.37 -28.05
N PHE A 137 -15.08 31.36 -28.32
CA PHE A 137 -15.38 32.46 -29.23
C PHE A 137 -14.63 32.26 -30.55
N ASP A 138 -15.37 32.32 -31.66
CA ASP A 138 -14.81 32.35 -33.01
C ASP A 138 -14.32 33.77 -33.28
N THR A 139 -13.00 33.99 -33.20
CA THR A 139 -12.43 35.32 -33.43
C THR A 139 -12.05 35.55 -34.90
N GLY A 140 -12.65 34.82 -35.84
CA GLY A 140 -12.29 34.99 -37.23
C GLY A 140 -11.54 33.81 -37.82
N ASP A 141 -10.20 33.85 -37.79
CA ASP A 141 -9.45 32.74 -38.34
C ASP A 141 -9.22 31.63 -37.32
N GLN A 142 -9.45 31.89 -36.04
CA GLN A 142 -9.16 30.90 -35.01
C GLN A 142 -10.27 30.92 -33.96
N TYR A 143 -9.94 30.51 -32.75
CA TYR A 143 -10.89 30.50 -31.64
C TYR A 143 -10.16 30.95 -30.39
N GLU A 144 -10.92 31.45 -29.43
CA GLU A 144 -10.35 31.68 -28.11
C GLU A 144 -11.19 30.96 -27.05
N ILE A 145 -10.47 30.34 -26.11
CA ILE A 145 -11.08 29.45 -25.12
C ILE A 145 -10.54 29.83 -23.75
N PRO A 146 -11.31 29.65 -22.68
CA PRO A 146 -10.82 30.03 -21.34
C PRO A 146 -9.69 29.13 -20.88
N ASP A 147 -8.80 29.70 -20.07
CA ASP A 147 -7.66 28.97 -19.52
C ASP A 147 -7.45 29.41 -18.08
N THR A 148 -7.61 28.49 -17.12
CA THR A 148 -7.49 28.84 -15.71
C THR A 148 -6.04 28.94 -15.24
N ALA A 149 -5.09 28.32 -15.95
CA ALA A 149 -3.70 28.54 -15.63
C ALA A 149 -3.32 30.00 -15.87
N SER A 150 -3.82 30.58 -16.97
CA SER A 150 -3.58 31.99 -17.28
C SER A 150 -4.55 32.90 -16.56
N GLY A 151 -5.75 32.43 -16.26
CA GLY A 151 -6.83 33.28 -15.84
C GLY A 151 -7.57 33.96 -16.97
N LYS A 152 -7.08 33.87 -18.20
CA LYS A 152 -7.61 34.65 -19.31
C LYS A 152 -7.91 33.73 -20.49
N TRP A 153 -8.38 34.34 -21.58
CA TRP A 153 -8.69 33.62 -22.80
C TRP A 153 -7.44 33.45 -23.66
N ILE A 154 -7.30 32.26 -24.28
CA ILE A 154 -6.14 31.94 -25.10
C ILE A 154 -6.61 31.54 -26.49
N LYS A 155 -5.69 31.66 -27.45
CA LYS A 155 -5.99 31.38 -28.84
C LYS A 155 -5.67 29.93 -29.17
N THR A 156 -6.46 29.34 -30.06
CA THR A 156 -6.21 27.97 -30.48
C THR A 156 -6.82 27.76 -31.86
N ASP A 157 -6.17 26.91 -32.65
CA ASP A 157 -6.55 26.70 -34.04
C ASP A 157 -6.56 25.21 -34.33
N PRO A 158 -7.71 24.55 -34.22
CA PRO A 158 -7.73 23.08 -34.33
C PRO A 158 -7.37 22.58 -35.72
N GLU A 159 -7.56 23.41 -36.74
CA GLU A 159 -7.26 23.00 -38.10
C GLU A 159 -5.78 22.71 -38.28
N ILE A 160 -4.93 23.47 -37.58
CA ILE A 160 -3.49 23.27 -37.73
C ILE A 160 -3.09 21.88 -37.25
N HIS A 161 -3.55 21.49 -36.05
CA HIS A 161 -3.24 20.17 -35.54
C HIS A 161 -3.78 19.08 -36.46
N LYS A 162 -5.01 19.27 -36.94
CA LYS A 162 -5.58 18.35 -37.91
C LYS A 162 -4.71 18.21 -39.15
N ASP A 163 -4.22 19.33 -39.71
CA ASP A 163 -3.42 19.29 -40.94
C ASP A 163 -2.09 18.57 -40.72
N LYS A 164 -1.39 18.90 -39.63
CA LYS A 164 -0.12 18.25 -39.33
C LYS A 164 -0.29 16.75 -39.08
N ALA A 165 -1.41 16.34 -38.46
CA ALA A 165 -1.64 14.91 -38.26
C ALA A 165 -1.82 14.20 -39.59
N THR A 166 -2.62 14.78 -40.49
CA THR A 166 -2.83 14.11 -41.78
C THR A 166 -1.54 14.09 -42.59
N ALA A 167 -0.74 15.17 -42.54
CA ALA A 167 0.54 15.16 -43.24
C ALA A 167 1.48 14.08 -42.70
N ALA A 168 1.58 13.96 -41.38
CA ALA A 168 2.40 12.89 -40.81
C ALA A 168 1.89 11.52 -41.24
N HIS A 169 0.58 11.32 -41.15
CA HIS A 169 -0.05 10.06 -41.56
C HIS A 169 0.30 9.70 -42.99
N GLN A 170 0.10 10.64 -43.92
CA GLN A 170 0.39 10.38 -45.33
C GLN A 170 1.85 10.08 -45.56
N ALA A 171 2.73 10.66 -44.73
CA ALA A 171 4.17 10.41 -44.87
C ALA A 171 4.62 9.10 -44.22
N TYR A 172 3.72 8.39 -43.56
CA TYR A 172 4.04 7.12 -42.91
C TYR A 172 3.15 6.02 -43.46
N ALA A 173 2.87 6.10 -44.77
CA ALA A 173 2.07 5.10 -45.48
C ALA A 173 0.73 4.83 -44.78
N ASN A 174 0.15 5.90 -44.22
CA ASN A 174 -1.14 5.83 -43.51
C ASN A 174 -1.12 4.83 -42.34
N GLU A 175 0.02 4.72 -41.65
CA GLU A 175 0.10 3.91 -40.43
C GLU A 175 0.42 4.74 -39.19
N TRP A 176 0.59 6.04 -39.34
CA TRP A 176 1.00 6.91 -38.24
C TRP A 176 -0.05 6.96 -37.15
N LYS A 177 -1.28 7.33 -37.52
CA LYS A 177 -2.33 7.54 -36.53
C LYS A 177 -2.58 6.28 -35.72
N GLY A 178 -2.51 5.12 -36.36
CA GLY A 178 -2.75 3.88 -35.63
C GLY A 178 -1.66 3.59 -34.61
N LEU A 179 -0.40 3.91 -34.94
CA LEU A 179 0.68 3.74 -33.98
C LEU A 179 0.48 4.66 -32.80
N VAL A 180 -0.02 5.88 -33.05
CA VAL A 180 -0.27 6.83 -31.98
C VAL A 180 -1.35 6.30 -31.03
N ARG A 181 -2.42 5.70 -31.59
CA ARG A 181 -3.54 5.20 -30.79
C ARG A 181 -3.11 4.01 -29.94
N MSE A 182 -2.25 3.14 -30.47
CA MSE A 182 -1.69 2.03 -29.70
C MSE A 182 -0.85 2.49 -28.52
O MSE A 182 -0.99 1.93 -27.43
CB MSE A 182 -0.82 1.14 -30.57
CG MSE A 182 -1.59 0.34 -31.60
SE MSE A 182 -0.40 -0.72 -32.69
CE MSE A 182 -1.72 -1.71 -33.69
N VAL A 183 0.04 3.47 -28.75
CA VAL A 183 0.87 3.94 -27.65
C VAL A 183 0.04 4.69 -26.63
N LYS A 184 -0.97 5.43 -27.08
CA LYS A 184 -1.92 6.06 -26.15
C LYS A 184 -2.68 5.00 -25.35
N TYR A 185 -3.00 3.87 -25.98
CA TYR A 185 -3.68 2.80 -25.25
C TYR A 185 -2.81 2.31 -24.10
N TRP A 186 -1.53 2.05 -24.39
CA TRP A 186 -0.56 1.73 -23.33
C TRP A 186 -0.50 2.84 -22.28
N ASN A 187 -0.55 4.09 -22.72
CA ASN A 187 -0.42 5.21 -21.80
C ASN A 187 -1.57 5.23 -20.80
N ASN A 188 -2.72 4.68 -21.20
CA ASN A 188 -3.92 4.65 -20.39
C ASN A 188 -4.05 3.38 -19.56
N ASN A 189 -3.10 2.47 -19.66
CA ASN A 189 -3.21 1.19 -18.96
C ASN A 189 -3.34 1.46 -17.47
N PRO A 190 -4.38 0.95 -16.80
CA PRO A 190 -4.45 1.11 -15.33
C PRO A 190 -3.31 0.42 -14.59
N LYS A 191 -2.51 -0.41 -15.27
CA LYS A 191 -1.38 -1.00 -14.55
C LYS A 191 -0.37 0.04 -14.13
N HIS A 192 -0.33 1.20 -14.81
CA HIS A 192 0.59 2.25 -14.39
C HIS A 192 0.11 2.98 -13.15
N GLY A 193 -1.09 2.69 -12.67
CA GLY A 193 -1.66 3.43 -11.57
C GLY A 193 -2.64 4.47 -12.06
N ASP A 194 -2.87 5.45 -11.20
CA ASP A 194 -3.84 6.50 -11.49
C ASP A 194 -3.25 7.66 -12.30
N LEU A 195 -1.92 7.79 -12.38
CA LEU A 195 -1.28 8.85 -13.15
C LEU A 195 -0.66 8.26 -14.41
N LYS A 196 -0.98 8.83 -15.56
CA LYS A 196 -0.47 8.25 -16.80
C LYS A 196 1.04 8.45 -16.89
N PRO A 197 1.74 7.58 -17.63
CA PRO A 197 3.17 7.85 -17.90
C PRO A 197 3.41 9.21 -18.54
N VAL A 198 2.63 9.57 -19.56
CA VAL A 198 2.84 10.80 -20.32
C VAL A 198 1.62 11.70 -20.12
N LYS A 199 1.88 12.94 -19.77
CA LYS A 199 0.79 13.88 -19.55
C LYS A 199 1.15 15.20 -20.23
N PRO A 200 0.22 15.81 -20.98
CA PRO A 200 -1.10 15.30 -21.35
C PRO A 200 -0.98 14.25 -22.45
N SER A 201 -2.05 13.51 -22.69
CA SER A 201 -2.09 12.52 -23.76
C SER A 201 -1.68 13.12 -25.12
N PHE A 202 -2.09 14.37 -25.38
CA PHE A 202 -1.76 15.02 -26.65
C PHE A 202 -0.25 15.05 -26.89
N LEU A 203 0.56 15.07 -25.83
CA LEU A 203 2.00 15.09 -26.01
C LEU A 203 2.50 13.87 -26.77
N ILE A 204 1.85 12.70 -26.59
CA ILE A 204 2.26 11.56 -27.39
C ILE A 204 2.12 11.90 -28.88
N GLU A 205 1.02 12.53 -29.26
CA GLU A 205 0.80 12.86 -30.66
C GLU A 205 1.81 13.92 -31.12
N VAL A 206 2.05 14.94 -30.29
CA VAL A 206 3.00 15.99 -30.66
C VAL A 206 4.39 15.41 -30.89
N MSE A 207 4.84 14.55 -29.99
CA MSE A 207 6.16 13.95 -30.16
C MSE A 207 6.17 13.05 -31.39
O MSE A 207 7.18 12.98 -32.07
CB MSE A 207 6.56 13.14 -28.94
CG MSE A 207 6.62 13.94 -27.64
SE MSE A 207 7.15 12.89 -26.10
CE MSE A 207 8.84 12.25 -26.74
N ALA A 208 5.07 12.36 -31.65
CA ALA A 208 5.06 11.44 -32.78
C ALA A 208 5.25 12.17 -34.12
N LEU A 209 4.90 13.45 -34.20
CA LEU A 209 5.13 14.20 -35.42
C LEU A 209 6.60 14.13 -35.83
N GLU A 210 7.51 14.11 -34.86
CA GLU A 210 8.92 13.93 -35.16
C GLU A 210 9.49 12.59 -34.75
N CYS A 211 8.96 11.97 -33.69
CA CYS A 211 9.55 10.73 -33.21
C CYS A 211 9.22 9.53 -34.10
N LEU A 212 8.21 9.63 -34.95
CA LEU A 212 7.99 8.65 -36.02
C LEU A 212 8.48 9.26 -37.32
N TYR A 213 9.52 8.69 -37.90
CA TYR A 213 10.21 9.36 -39.00
C TYR A 213 10.64 8.35 -40.06
N GLY A 214 10.90 8.86 -41.25
CA GLY A 214 11.35 8.02 -42.34
C GLY A 214 10.19 7.42 -43.11
N GLY A 215 9.59 6.38 -42.55
CA GLY A 215 8.48 5.72 -43.20
C GLY A 215 8.12 4.46 -42.45
N TRP A 216 7.09 3.79 -42.94
CA TRP A 216 6.56 2.60 -42.29
C TRP A 216 7.42 1.39 -42.65
N GLY A 217 7.96 0.73 -41.63
CA GLY A 217 8.81 -0.43 -41.86
C GLY A 217 8.05 -1.67 -42.29
N GLY A 218 6.77 -1.75 -41.95
CA GLY A 218 5.94 -2.86 -42.36
C GLY A 218 5.62 -3.86 -41.27
N SER A 219 6.34 -3.82 -40.14
CA SER A 219 6.13 -4.75 -39.02
C SER A 219 5.79 -3.98 -37.75
N PHE A 220 4.60 -4.24 -37.21
CA PHE A 220 4.14 -3.49 -36.04
C PHE A 220 5.05 -3.67 -34.84
N ASP A 221 5.57 -4.88 -34.63
CA ASP A 221 6.27 -5.14 -33.36
C ASP A 221 7.57 -4.35 -33.28
N ARG A 222 8.36 -4.36 -34.37
CA ARG A 222 9.59 -3.55 -34.40
C ARG A 222 9.27 -2.06 -34.38
N GLU A 223 8.20 -1.63 -35.07
CA GLU A 223 7.83 -0.22 -35.04
C GLU A 223 7.49 0.23 -33.63
N ILE A 224 6.67 -0.56 -32.94
CA ILE A 224 6.29 -0.22 -31.57
C ILE A 224 7.52 -0.19 -30.68
N GLN A 225 8.37 -1.21 -30.76
CA GLN A 225 9.60 -1.18 -29.97
C GLN A 225 10.40 0.10 -30.20
N SER A 226 10.70 0.43 -31.46
CA SER A 226 11.53 1.60 -31.74
C SER A 226 10.82 2.89 -31.38
N PHE A 227 9.50 2.93 -31.57
CA PHE A 227 8.72 4.10 -31.17
C PHE A 227 8.86 4.36 -29.66
N PHE A 228 8.72 3.32 -28.85
CA PHE A 228 8.90 3.48 -27.41
C PHE A 228 10.33 3.94 -27.09
N ALA A 229 11.33 3.33 -27.72
CA ALA A 229 12.72 3.71 -27.44
C ALA A 229 12.96 5.18 -27.76
N THR A 230 12.44 5.65 -28.91
CA THR A 230 12.63 7.06 -29.28
C THR A 230 11.88 7.99 -28.34
N LEU A 231 10.63 7.66 -28.03
CA LEU A 231 9.88 8.48 -27.08
C LEU A 231 10.63 8.59 -25.76
N ALA A 232 11.19 7.47 -25.27
CA ALA A 232 11.96 7.51 -24.02
C ALA A 232 13.14 8.46 -24.14
N ASP A 233 13.86 8.38 -25.25
CA ASP A 233 15.04 9.22 -25.42
C ASP A 233 14.68 10.71 -25.47
N ARG A 234 13.48 11.07 -25.93
CA ARG A 234 13.22 12.47 -26.28
C ARG A 234 12.11 13.12 -25.46
N VAL A 235 11.56 12.45 -24.45
CA VAL A 235 10.48 13.07 -23.68
C VAL A 235 10.99 14.20 -22.80
N HIS A 236 12.31 14.37 -22.67
CA HIS A 236 12.84 15.51 -21.95
C HIS A 236 13.09 16.73 -22.83
N ASP A 237 13.08 16.57 -24.16
CA ASP A 237 13.19 17.70 -25.07
C ASP A 237 12.03 18.67 -24.87
N GLU A 238 12.18 19.87 -25.43
CA GLU A 238 11.05 20.78 -25.48
C GLU A 238 10.17 20.43 -26.66
N TRP A 239 8.86 20.46 -26.44
CA TRP A 239 7.87 20.12 -27.46
C TRP A 239 6.92 21.31 -27.55
N PRO A 240 7.27 22.31 -28.35
CA PRO A 240 6.40 23.47 -28.47
C PRO A 240 5.07 23.09 -29.10
N ASP A 241 4.11 23.98 -28.90
CA ASP A 241 2.83 23.88 -29.56
C ASP A 241 3.04 23.91 -31.07
N PRO A 242 2.73 22.83 -31.79
CA PRO A 242 2.88 22.86 -33.25
C PRO A 242 2.09 23.98 -33.93
N ALA A 243 1.06 24.52 -33.29
CA ALA A 243 0.33 25.65 -33.86
C ALA A 243 1.01 26.98 -33.59
N GLY A 244 2.01 27.01 -32.71
CA GLY A 244 2.66 28.25 -32.34
C GLY A 244 1.77 29.27 -31.68
N LEU A 245 0.70 28.84 -31.01
CA LEU A 245 -0.23 29.76 -30.38
C LEU A 245 -0.21 29.70 -28.85
N GLY A 246 0.37 28.65 -28.27
CA GLY A 246 0.40 28.51 -26.83
C GLY A 246 1.70 27.96 -26.29
N PRO A 247 1.75 27.75 -24.98
CA PRO A 247 3.00 27.28 -24.35
C PRO A 247 3.30 25.84 -24.71
N ALA A 248 4.55 25.44 -24.48
CA ALA A 248 5.00 24.14 -24.95
C ALA A 248 4.17 23.03 -24.33
N ILE A 249 3.94 21.96 -25.10
CA ILE A 249 3.09 20.87 -24.66
C ILE A 249 3.74 20.06 -23.56
N SER A 250 5.06 20.13 -23.44
CA SER A 250 5.82 19.39 -22.46
C SER A 250 5.95 20.12 -21.13
N ASN A 251 5.17 21.17 -20.89
CA ASN A 251 5.30 21.94 -19.66
C ASN A 251 4.47 21.39 -18.51
N ASP A 252 3.58 20.42 -18.74
CA ASP A 252 2.67 19.96 -17.70
C ASP A 252 3.34 19.04 -16.69
N MSE A 253 4.42 18.40 -17.07
CA MSE A 253 5.06 17.45 -16.17
C MSE A 253 6.27 18.10 -15.51
O MSE A 253 7.08 18.72 -16.20
CB MSE A 253 5.49 16.19 -16.92
CG MSE A 253 4.34 15.41 -17.60
SE MSE A 253 5.04 13.78 -18.38
CE MSE A 253 5.87 14.52 -19.99
N ASP A 254 6.40 17.99 -14.19
CA ASP A 254 7.62 18.48 -13.55
C ASP A 254 8.75 17.48 -13.79
N ALA A 255 9.95 17.82 -13.33
CA ALA A 255 11.12 17.02 -13.69
C ALA A 255 11.05 15.61 -13.10
N ALA A 256 10.38 15.43 -11.96
CA ALA A 256 10.22 14.09 -11.42
C ALA A 256 9.22 13.28 -12.24
N ARG A 257 8.11 13.91 -12.64
CA ARG A 257 7.15 13.22 -13.50
C ARG A 257 7.77 12.85 -14.85
N LYS A 258 8.57 13.75 -15.43
CA LYS A 258 9.22 13.45 -16.70
C LYS A 258 10.18 12.27 -16.54
N GLN A 259 10.79 12.15 -15.36
CA GLN A 259 11.74 11.07 -15.13
C GLN A 259 11.01 9.73 -15.10
N ARG A 260 9.89 9.67 -14.39
CA ARG A 260 9.04 8.47 -14.44
C ARG A 260 8.63 8.16 -15.88
N ALA A 261 8.24 9.20 -16.63
CA ALA A 261 7.85 8.99 -18.02
C ALA A 261 8.94 8.30 -18.81
N GLN A 262 10.18 8.77 -18.67
CA GLN A 262 11.23 8.17 -19.46
C GLN A 262 11.45 6.71 -19.05
N GLN A 263 11.36 6.42 -17.73
CA GLN A 263 11.57 5.06 -17.26
C GLN A 263 10.49 4.12 -17.77
N LEU A 264 9.22 4.56 -17.68
CA LEU A 264 8.11 3.72 -18.13
C LEU A 264 8.15 3.53 -19.64
N LEU A 265 8.49 4.58 -20.39
CA LEU A 265 8.67 4.42 -21.83
C LEU A 265 9.83 3.48 -22.12
N PHE A 266 10.93 3.60 -21.37
CA PHE A 266 12.07 2.71 -21.55
C PHE A 266 11.70 1.27 -21.20
N GLN A 267 10.96 1.09 -20.10
CA GLN A 267 10.50 -0.26 -19.75
C GLN A 267 9.58 -0.81 -20.82
N ALA A 268 8.72 0.04 -21.41
CA ALA A 268 7.90 -0.43 -22.51
C ALA A 268 8.74 -0.92 -23.67
N SER A 269 9.85 -0.21 -23.96
CA SER A 269 10.71 -0.67 -25.04
C SER A 269 11.36 -2.02 -24.70
N GLN A 270 11.76 -2.20 -23.45
CA GLN A 270 12.35 -3.49 -23.03
C GLN A 270 11.33 -4.61 -23.12
N ASP A 271 10.13 -4.40 -22.55
CA ASP A 271 9.07 -5.39 -22.67
C ASP A 271 8.81 -5.72 -24.12
N ALA A 272 8.77 -4.70 -24.98
CA ALA A 272 8.55 -4.95 -26.41
C ALA A 272 9.71 -5.73 -27.01
N SER A 273 10.95 -5.44 -26.60
CA SER A 273 12.09 -6.21 -27.08
C SER A 273 11.97 -7.67 -26.66
N ILE A 274 11.45 -7.91 -25.45
CA ILE A 274 11.28 -9.30 -25.01
C ILE A 274 10.26 -10.02 -25.86
N ALA A 275 9.17 -9.33 -26.23
CA ALA A 275 8.15 -9.97 -27.06
C ALA A 275 8.69 -10.26 -28.46
N ILE A 276 9.55 -9.38 -28.98
CA ILE A 276 10.16 -9.61 -30.28
C ILE A 276 11.09 -10.83 -30.23
N ASP A 277 11.93 -10.91 -29.20
CA ASP A 277 12.81 -12.07 -29.07
C ASP A 277 12.02 -13.37 -29.05
N HIS A 278 10.93 -13.42 -28.26
CA HIS A 278 10.08 -14.60 -28.25
C HIS A 278 9.66 -14.98 -29.66
N ALA A 279 9.10 -14.01 -30.40
CA ALA A 279 8.64 -14.27 -31.76
C ALA A 279 9.77 -14.78 -32.64
N ARG A 280 10.94 -14.12 -32.57
CA ARG A 280 12.07 -14.52 -33.41
C ARG A 280 12.49 -15.96 -33.14
N ARG A 281 12.26 -16.47 -31.92
CA ARG A 281 12.71 -17.81 -31.57
C ARG A 281 11.61 -18.86 -31.69
N GLY A 282 10.47 -18.51 -32.27
CA GLY A 282 9.38 -19.44 -32.46
C GLY A 282 8.41 -19.55 -31.30
N ARG A 283 8.64 -18.79 -30.22
CA ARG A 283 7.78 -18.82 -29.02
C ARG A 283 6.68 -17.78 -29.21
N ASN A 284 5.70 -18.13 -30.07
CA ASN A 284 4.67 -17.19 -30.49
C ASN A 284 3.64 -16.94 -29.40
N ILE A 285 3.20 -17.99 -28.71
CA ILE A 285 2.26 -17.77 -27.60
C ILE A 285 2.89 -16.86 -26.57
N GLU A 286 4.17 -17.11 -26.25
CA GLU A 286 4.88 -16.28 -25.28
C GLU A 286 4.96 -14.83 -25.74
N ALA A 287 5.20 -14.62 -27.03
CA ALA A 287 5.27 -13.26 -27.55
C ALA A 287 3.94 -12.55 -27.37
N LEU A 288 2.84 -13.18 -27.81
CA LEU A 288 1.51 -12.62 -27.62
C LEU A 288 1.25 -12.26 -26.15
N ARG A 289 1.61 -13.16 -25.23
CA ARG A 289 1.40 -12.90 -23.81
C ARG A 289 2.18 -11.68 -23.35
N ALA A 290 3.39 -11.49 -23.87
CA ALA A 290 4.17 -10.33 -23.46
C ALA A 290 3.54 -9.04 -23.97
N TRP A 291 3.06 -9.06 -25.22
CA TRP A 291 2.37 -7.89 -25.77
C TRP A 291 1.08 -7.60 -25.00
N ARG A 292 0.36 -8.66 -24.62
CA ARG A 292 -0.84 -8.51 -23.79
C ARG A 292 -0.50 -7.86 -22.44
N ALA A 293 0.58 -8.29 -21.79
CA ALA A 293 0.96 -7.65 -20.52
C ALA A 293 1.37 -6.20 -20.72
N LEU A 294 1.93 -5.87 -21.87
CA LEU A 294 2.31 -4.48 -22.13
C LEU A 294 1.06 -3.61 -22.33
N PHE A 295 0.19 -4.03 -23.23
CA PHE A 295 -0.86 -3.16 -23.75
C PHE A 295 -2.12 -3.23 -22.91
N GLY A 296 -2.54 -4.44 -22.54
CA GLY A 296 -3.80 -4.67 -21.88
C GLY A 296 -4.73 -5.58 -22.68
N PRO A 297 -5.95 -5.76 -22.16
CA PRO A 297 -6.82 -6.83 -22.68
C PRO A 297 -7.22 -6.67 -24.13
N LYS A 298 -7.31 -5.45 -24.65
CA LYS A 298 -7.64 -5.28 -26.05
C LYS A 298 -6.61 -5.91 -27.00
N PHE A 299 -5.38 -6.17 -26.55
CA PHE A 299 -4.44 -6.89 -27.43
C PHE A 299 -4.85 -8.35 -27.47
N PRO A 300 -5.09 -8.92 -28.65
CA PRO A 300 -5.68 -10.27 -28.72
C PRO A 300 -4.67 -11.38 -28.51
N LEU A 301 -5.12 -12.44 -27.81
CA LEU A 301 -4.37 -13.68 -27.73
C LEU A 301 -4.80 -14.70 -28.76
N SER A 302 -5.91 -14.46 -29.46
CA SER A 302 -6.41 -15.37 -30.48
C SER A 302 -7.33 -14.63 -31.44
N SER B 1 47.92 10.95 5.54
CA SER B 1 47.64 10.22 6.78
C SER B 1 47.16 8.79 6.50
N ASN B 2 46.73 8.08 7.55
CA ASN B 2 46.28 6.71 7.34
C ASN B 2 44.88 6.69 6.76
N ALA B 3 44.61 5.67 5.94
CA ALA B 3 43.28 5.48 5.39
C ALA B 3 42.30 5.22 6.53
N LEU B 4 41.08 5.74 6.39
CA LEU B 4 40.07 5.55 7.41
C LEU B 4 39.49 4.15 7.31
N SER B 5 39.14 3.58 8.46
CA SER B 5 38.22 2.47 8.47
C SER B 5 36.80 2.97 8.14
N ILE B 6 35.89 2.03 7.88
CA ILE B 6 34.50 2.42 7.63
C ILE B 6 33.94 3.18 8.83
N ASP B 7 34.22 2.70 10.03
CA ASP B 7 33.70 3.35 11.23
C ASP B 7 34.31 4.74 11.44
N GLU B 8 35.62 4.88 11.25
CA GLU B 8 36.24 6.21 11.34
C GLU B 8 35.65 7.16 10.30
N ALA B 9 35.41 6.68 9.08
CA ALA B 9 34.88 7.55 8.05
C ALA B 9 33.49 8.06 8.41
N PHE B 10 32.63 7.19 8.94
CA PHE B 10 31.27 7.61 9.28
C PHE B 10 31.26 8.51 10.51
N ARG B 11 32.15 8.27 11.49
CA ARG B 11 32.16 9.15 12.67
C ARG B 11 32.68 10.52 12.31
N LYS B 12 33.66 10.60 11.40
CA LYS B 12 34.07 11.90 10.88
C LYS B 12 32.92 12.56 10.11
N PHE B 13 32.29 11.81 9.19
CA PHE B 13 31.07 12.27 8.54
C PHE B 13 30.05 12.77 9.56
N LYS B 14 29.79 11.97 10.60
CA LYS B 14 28.87 12.39 11.65
C LYS B 14 29.31 13.72 12.27
N SER B 15 30.61 13.85 12.55
CA SER B 15 31.14 15.07 13.13
C SER B 15 30.90 16.28 12.22
N ARG B 16 31.18 16.12 10.92
CA ARG B 16 30.97 17.21 9.97
C ARG B 16 29.50 17.64 9.90
N LEU B 17 28.57 16.73 10.19
CA LEU B 17 27.15 17.04 10.14
C LEU B 17 26.59 17.50 11.47
N GLU B 18 27.43 17.66 12.50
CA GLU B 18 26.98 18.11 13.80
C GLU B 18 27.11 19.62 13.92
N LEU B 19 26.16 20.24 14.61
CA LEU B 19 26.20 21.67 14.86
C LEU B 19 27.39 22.03 15.74
N ASN B 20 28.21 22.97 15.30
CA ASN B 20 29.32 23.42 16.12
C ASN B 20 29.04 24.80 16.71
N GLU B 21 29.96 25.24 17.58
CA GLU B 21 29.75 26.47 18.35
C GLU B 21 29.65 27.68 17.44
N ARG B 22 30.55 27.80 16.46
CA ARG B 22 30.53 28.97 15.58
C ARG B 22 29.26 29.01 14.73
N GLU B 23 28.71 27.84 14.39
CA GLU B 23 27.45 27.83 13.67
C GLU B 23 26.31 28.25 14.58
N GLN B 24 26.33 27.78 15.83
CA GLN B 24 25.30 28.17 16.79
C GLN B 24 25.29 29.67 17.01
N LYS B 25 26.47 30.27 17.18
CA LYS B 25 26.53 31.70 17.39
C LYS B 25 26.04 32.46 16.17
N ASN B 26 26.38 31.98 14.97
CA ASN B 26 25.92 32.64 13.76
C ASN B 26 24.40 32.56 13.66
N ALA B 27 23.82 31.40 13.94
CA ALA B 27 22.36 31.29 13.95
C ALA B 27 21.74 32.23 14.98
N SER B 28 22.44 32.46 16.10
CA SER B 28 21.88 33.34 17.12
C SER B 28 21.94 34.79 16.69
N GLN B 29 23.05 35.21 16.09
CA GLN B 29 23.17 36.58 15.62
C GLN B 29 22.15 36.87 14.53
N ARG B 30 21.89 35.90 13.65
CA ARG B 30 20.93 36.12 12.58
C ARG B 30 19.52 36.26 13.14
N GLN B 31 19.17 35.46 14.15
CA GLN B 31 17.87 35.62 14.77
C GLN B 31 17.74 37.00 15.41
N ASN B 32 18.79 37.45 16.11
CA ASN B 32 18.74 38.76 16.72
C ASN B 32 18.59 39.86 15.68
N GLU B 33 19.34 39.77 14.57
CA GLU B 33 19.26 40.80 13.54
C GLU B 33 17.85 40.87 12.94
N VAL B 34 17.28 39.71 12.64
CA VAL B 34 15.98 39.69 11.99
C VAL B 34 14.87 40.05 12.97
N ARG B 35 14.97 39.58 14.22
CA ARG B 35 13.95 39.92 15.20
C ARG B 35 13.94 41.41 15.51
N ASP B 36 15.14 42.01 15.62
CA ASP B 36 15.21 43.43 15.94
C ASP B 36 14.58 44.27 14.85
N TYR B 37 14.86 43.95 13.59
CA TYR B 37 14.23 44.71 12.49
C TYR B 37 12.74 44.47 12.45
N LEU B 38 12.31 43.20 12.56
CA LEU B 38 10.87 42.95 12.52
C LEU B 38 10.14 43.62 13.66
N GLN B 39 10.83 43.84 14.79
CA GLN B 39 10.18 44.43 15.95
C GLN B 39 9.93 45.92 15.76
N THR B 40 10.71 46.58 14.92
CA THR B 40 10.42 47.96 14.60
C THR B 40 9.14 48.09 13.77
N LYS B 41 8.81 47.07 12.99
CA LYS B 41 7.69 47.18 12.05
C LYS B 41 6.51 46.27 12.38
N PHE B 42 6.57 45.54 13.47
CA PHE B 42 5.43 44.74 13.91
C PHE B 42 5.46 44.65 15.42
N GLY B 43 4.33 44.25 15.99
CA GLY B 43 4.27 44.00 17.42
C GLY B 43 4.64 42.57 17.73
N ILE B 44 5.92 42.33 18.01
CA ILE B 44 6.44 40.99 18.21
C ILE B 44 6.77 40.83 19.69
N ALA B 45 6.13 39.85 20.33
CA ALA B 45 6.41 39.57 21.73
C ALA B 45 7.81 38.97 21.90
N ARG B 46 8.13 37.96 21.11
CA ARG B 46 9.36 37.19 21.27
C ARG B 46 9.52 36.29 20.05
N SER B 47 10.75 35.80 19.86
CA SER B 47 11.02 34.90 18.75
C SER B 47 11.91 33.78 19.23
N PHE B 48 11.74 32.59 18.64
CA PHE B 48 12.59 31.47 18.98
C PHE B 48 12.89 30.61 17.75
N LEU B 49 14.10 30.06 17.75
CA LEU B 49 14.46 29.07 16.75
C LEU B 49 13.68 27.80 16.97
N THR B 50 13.35 27.11 15.89
CA THR B 50 12.50 25.94 16.02
C THR B 50 12.68 25.05 14.79
N GLY B 51 11.77 24.10 14.62
CA GLY B 51 11.91 23.18 13.51
C GLY B 51 13.13 22.28 13.70
N SER B 52 13.64 21.79 12.56
CA SER B 52 14.72 20.81 12.61
C SER B 52 15.99 21.38 13.24
N TYR B 53 16.22 22.68 13.10
CA TYR B 53 17.41 23.28 13.72
C TYR B 53 17.39 23.07 15.23
N ALA B 54 16.25 23.33 15.87
CA ALA B 54 16.13 23.24 17.32
C ALA B 54 16.07 21.80 17.81
N ARG B 55 15.65 20.87 16.97
CA ARG B 55 15.66 19.47 17.32
C ARG B 55 17.01 18.79 17.02
N TYR B 56 17.95 19.51 16.42
CA TYR B 56 19.23 18.96 15.97
C TYR B 56 19.05 17.83 14.95
N THR B 57 17.98 17.90 14.18
CA THR B 57 17.80 17.00 13.05
C THR B 57 18.01 17.71 11.72
N LYS B 58 18.73 18.83 11.73
CA LYS B 58 19.00 19.60 10.52
C LYS B 58 20.41 19.29 10.03
N THR B 59 20.53 19.11 8.72
CA THR B 59 21.78 18.67 8.14
C THR B 59 22.50 19.88 7.54
N LYS B 60 23.65 19.64 6.93
CA LYS B 60 24.50 20.71 6.43
C LYS B 60 24.35 20.89 4.92
N PRO B 61 24.54 22.11 4.38
CA PRO B 61 24.70 23.38 5.11
C PRO B 61 23.39 23.84 5.70
N LEU B 62 23.45 24.67 6.74
CA LEU B 62 22.27 25.04 7.53
C LEU B 62 21.47 26.07 6.74
N LYS B 63 20.40 25.61 6.09
CA LYS B 63 19.50 26.42 5.28
C LYS B 63 18.14 26.44 5.92
N ASP B 64 17.35 27.48 5.63
CA ASP B 64 15.93 27.52 5.98
C ASP B 64 15.69 27.31 7.48
N ILE B 65 16.53 27.90 8.32
CA ILE B 65 16.36 27.78 9.76
C ILE B 65 15.06 28.46 10.18
N ASP B 66 14.15 27.69 10.76
CA ASP B 66 12.84 28.21 11.16
C ASP B 66 12.97 29.10 12.40
N ILE B 67 12.35 30.29 12.33
CA ILE B 67 12.20 31.18 13.49
C ILE B 67 10.74 31.58 13.58
N PHE B 68 10.09 31.24 14.69
CA PHE B 68 8.76 31.76 14.96
C PHE B 68 8.87 33.17 15.50
N PHE B 69 8.07 34.08 14.97
CA PHE B 69 7.95 35.43 15.50
C PHE B 69 6.56 35.57 16.12
N VAL B 70 6.51 35.54 17.45
CA VAL B 70 5.25 35.48 18.18
C VAL B 70 4.67 36.89 18.23
N LEU B 71 3.57 37.10 17.50
CA LEU B 71 2.95 38.40 17.41
C LEU B 71 2.12 38.70 18.65
N LYS B 72 2.20 39.95 19.12
CA LYS B 72 1.45 40.42 20.29
C LYS B 72 -0.06 40.38 20.04
N ASP B 73 -0.81 40.53 21.13
CA ASP B 73 -2.26 40.66 21.02
C ASP B 73 -2.66 41.84 20.15
N SER B 74 -1.82 42.89 20.13
CA SER B 74 -2.14 44.08 19.35
C SER B 74 -2.14 43.82 17.86
N GLU B 75 -1.60 42.68 17.41
CA GLU B 75 -1.58 42.32 16.00
C GLU B 75 -2.58 41.21 15.68
N LYS B 76 -3.47 40.90 16.61
CA LYS B 76 -4.40 39.80 16.44
C LYS B 76 -5.31 39.93 15.23
N HIS B 77 -5.37 41.11 14.59
CA HIS B 77 -6.20 41.28 13.40
C HIS B 77 -5.79 40.32 12.30
N TYR B 78 -4.48 40.10 12.16
CA TYR B 78 -3.97 39.16 11.17
C TYR B 78 -4.61 37.79 11.32
N HIS B 79 -4.89 37.37 12.55
CA HIS B 79 -5.48 36.05 12.75
C HIS B 79 -6.87 35.95 12.12
N GLY B 80 -7.54 37.09 11.94
CA GLY B 80 -8.85 37.07 11.31
C GLY B 80 -8.79 37.12 9.80
N LYS B 81 -7.73 37.71 9.27
CA LYS B 81 -7.56 37.86 7.83
C LYS B 81 -6.90 36.62 7.22
N ALA B 82 -6.91 36.57 5.88
CA ALA B 82 -6.37 35.42 5.18
C ALA B 82 -4.85 35.34 5.33
N ALA B 83 -4.34 34.12 5.16
CA ALA B 83 -2.91 33.86 5.39
C ALA B 83 -2.02 34.80 4.59
N SER B 84 -2.43 35.12 3.36
CA SER B 84 -1.59 35.93 2.49
C SER B 84 -1.28 37.30 3.08
N VAL B 85 -2.16 37.81 3.94
CA VAL B 85 -2.02 39.20 4.39
C VAL B 85 -0.80 39.36 5.28
N VAL B 86 -0.70 38.55 6.33
CA VAL B 86 0.46 38.58 7.21
C VAL B 86 1.74 38.34 6.43
N LEU B 87 1.73 37.30 5.58
CA LEU B 87 2.94 36.94 4.86
C LEU B 87 3.36 38.04 3.88
N ASP B 88 2.38 38.66 3.21
CA ASP B 88 2.69 39.79 2.33
C ASP B 88 3.29 40.95 3.11
N ASP B 89 2.77 41.23 4.30
CA ASP B 89 3.30 42.33 5.10
C ASP B 89 4.71 42.02 5.60
N PHE B 90 4.93 40.79 6.10
CA PHE B 90 6.27 40.36 6.47
C PHE B 90 7.22 40.44 5.29
N HIS B 91 6.81 39.91 4.14
CA HIS B 91 7.64 39.98 2.94
C HIS B 91 8.03 41.41 2.62
N SER B 92 7.03 42.30 2.56
CA SER B 92 7.28 43.70 2.18
C SER B 92 8.30 44.34 3.12
N ALA B 93 8.09 44.20 4.43
CA ALA B 93 9.04 44.75 5.39
C ALA B 93 10.42 44.13 5.22
N LEU B 94 10.49 42.81 5.02
CA LEU B 94 11.78 42.16 4.87
C LEU B 94 12.48 42.56 3.57
N VAL B 95 11.71 42.85 2.51
CA VAL B 95 12.32 43.32 1.27
C VAL B 95 12.93 44.70 1.47
N GLU B 96 12.35 45.52 2.36
CA GLU B 96 12.91 46.84 2.59
C GLU B 96 14.33 46.76 3.14
N LYS B 97 14.59 45.82 4.05
CA LYS B 97 15.94 45.71 4.62
C LYS B 97 16.88 44.91 3.74
N TYR B 98 16.41 43.83 3.11
CA TYR B 98 17.29 42.90 2.42
C TYR B 98 17.20 42.95 0.91
N GLY B 99 16.20 43.61 0.35
CA GLY B 99 16.00 43.62 -1.08
C GLY B 99 15.12 42.48 -1.54
N SER B 100 14.72 42.56 -2.81
CA SER B 100 13.78 41.57 -3.34
C SER B 100 14.44 40.23 -3.62
N ALA B 101 15.70 40.23 -4.05
CA ALA B 101 16.33 38.99 -4.46
C ALA B 101 16.58 38.07 -3.28
N ALA B 102 16.89 38.64 -2.11
CA ALA B 102 17.23 37.88 -0.92
C ALA B 102 16.03 37.40 -0.13
N VAL B 103 14.81 37.69 -0.59
CA VAL B 103 13.60 37.42 0.16
C VAL B 103 12.62 36.71 -0.75
N ARG B 104 12.00 35.62 -0.25
CA ARG B 104 11.12 34.78 -1.06
C ARG B 104 9.90 34.40 -0.24
N LYS B 105 8.72 34.79 -0.72
CA LYS B 105 7.48 34.31 -0.11
C LYS B 105 7.41 32.80 -0.23
N GLN B 106 6.95 32.15 0.84
CA GLN B 106 6.70 30.72 0.87
C GLN B 106 5.34 30.51 1.49
N ALA B 107 4.90 29.26 1.57
CA ALA B 107 3.53 28.99 1.95
C ALA B 107 3.25 29.40 3.40
N ARG B 108 4.17 29.13 4.30
CA ARG B 108 3.95 29.37 5.73
C ARG B 108 4.99 30.30 6.32
N SER B 109 5.79 30.98 5.50
CA SER B 109 6.94 31.69 6.03
C SER B 109 7.53 32.58 4.94
N ILE B 110 8.47 33.43 5.35
CA ILE B 110 9.25 34.26 4.44
C ILE B 110 10.71 33.87 4.60
N ASN B 111 11.35 33.48 3.51
CA ASN B 111 12.74 33.06 3.53
C ASN B 111 13.65 34.26 3.30
N VAL B 112 14.67 34.39 4.13
CA VAL B 112 15.64 35.48 4.03
C VAL B 112 17.01 34.87 3.79
N ASP B 113 17.56 35.14 2.61
CA ASP B 113 18.86 34.60 2.23
C ASP B 113 19.94 35.62 2.54
N PHE B 114 21.01 35.17 3.21
CA PHE B 114 22.06 36.08 3.65
C PHE B 114 23.23 36.17 2.68
N GLY B 115 23.08 35.65 1.46
CA GLY B 115 24.16 35.74 0.49
C GLY B 115 25.45 35.07 0.94
N VAL B 116 25.35 33.85 1.46
CA VAL B 116 26.50 33.10 1.94
C VAL B 116 26.91 32.10 0.88
N HIS B 117 28.18 32.10 0.51
CA HIS B 117 28.68 31.19 -0.52
C HIS B 117 28.80 29.77 0.05
N ILE B 118 28.26 28.80 -0.68
CA ILE B 118 28.40 27.38 -0.36
C ILE B 118 29.30 26.77 -1.42
N ASP B 119 30.40 26.15 -0.99
CA ASP B 119 31.33 25.59 -1.95
C ASP B 119 30.93 24.16 -2.32
N ALA B 120 31.83 23.48 -3.04
CA ALA B 120 31.51 22.15 -3.55
C ALA B 120 31.40 21.13 -2.42
N GLU B 121 32.12 21.33 -1.31
CA GLU B 121 32.04 20.45 -0.16
C GLU B 121 31.01 20.90 0.87
N ASP B 122 30.08 21.78 0.48
CA ASP B 122 29.01 22.25 1.37
C ASP B 122 29.55 22.99 2.58
N ASN B 123 30.63 23.74 2.41
CA ASN B 123 31.15 24.56 3.48
C ASN B 123 30.76 26.01 3.28
N THR B 124 30.48 26.70 4.39
CA THR B 124 29.99 28.07 4.34
C THR B 124 30.80 28.97 5.27
N ASP B 125 31.96 28.51 5.72
CA ASP B 125 32.76 29.22 6.73
C ASP B 125 31.97 29.41 8.03
N TYR B 126 31.24 28.36 8.40
CA TYR B 126 30.48 28.30 9.64
C TYR B 126 29.40 29.37 9.71
N ARG B 127 28.69 29.57 8.60
CA ARG B 127 27.60 30.55 8.56
C ARG B 127 26.31 29.87 8.12
N VAL B 128 25.20 30.28 8.73
CA VAL B 128 23.90 29.79 8.29
C VAL B 128 23.55 30.45 6.96
N VAL B 129 22.87 29.70 6.10
CA VAL B 129 22.63 30.18 4.74
C VAL B 129 21.42 31.10 4.70
N SER B 130 20.37 30.78 5.45
CA SER B 130 19.10 31.48 5.35
C SER B 130 18.20 31.06 6.50
N VAL B 131 17.22 31.91 6.82
CA VAL B 131 16.23 31.63 7.84
C VAL B 131 14.83 31.76 7.23
N ASP B 132 13.87 31.10 7.87
CA ASP B 132 12.46 31.18 7.50
C ASP B 132 11.72 31.92 8.61
N ALA B 133 11.22 33.13 8.29
CA ALA B 133 10.42 33.91 9.24
C ALA B 133 8.97 33.44 9.23
N VAL B 134 8.50 32.91 10.36
CA VAL B 134 7.16 32.36 10.49
C VAL B 134 6.36 33.27 11.42
N PRO B 135 5.31 33.95 10.95
CA PRO B 135 4.42 34.65 11.87
C PRO B 135 3.64 33.66 12.71
N ALA B 136 3.56 33.92 14.01
CA ALA B 136 2.93 32.97 14.92
C ALA B 136 2.08 33.69 15.94
N PHE B 137 1.02 33.01 16.39
CA PHE B 137 0.19 33.47 17.50
C PHE B 137 0.15 32.38 18.55
N ASP B 138 0.62 32.70 19.75
CA ASP B 138 0.49 31.79 20.87
C ASP B 138 -0.97 31.78 21.32
N THR B 139 -1.65 30.66 21.10
CA THR B 139 -2.98 30.44 21.65
C THR B 139 -2.93 29.63 22.94
N GLY B 140 -1.89 29.80 23.73
CA GLY B 140 -1.75 29.02 24.95
C GLY B 140 -0.91 27.79 24.76
N ASP B 141 -1.57 26.63 24.65
CA ASP B 141 -0.82 25.37 24.59
C ASP B 141 -0.05 25.22 23.28
N GLN B 142 -0.61 25.73 22.19
CA GLN B 142 -0.05 25.56 20.87
C GLN B 142 0.05 26.92 20.20
N TYR B 143 0.66 26.95 19.02
CA TYR B 143 0.74 28.14 18.19
C TYR B 143 -0.14 27.97 16.96
N GLU B 144 -0.36 29.09 16.26
CA GLU B 144 -1.04 29.09 14.97
C GLU B 144 -0.23 29.90 13.99
N ILE B 145 -0.15 29.41 12.76
CA ILE B 145 0.70 29.98 11.72
C ILE B 145 -0.08 30.08 10.42
N PRO B 146 0.23 31.02 9.53
CA PRO B 146 -0.50 31.12 8.27
C PRO B 146 -0.09 30.05 7.27
N ASP B 147 -1.06 29.60 6.49
CA ASP B 147 -0.85 28.55 5.50
C ASP B 147 -1.58 28.93 4.20
N THR B 148 -0.81 29.38 3.19
CA THR B 148 -1.42 29.88 1.95
C THR B 148 -2.14 28.80 1.15
N ALA B 149 -1.81 27.53 1.36
CA ALA B 149 -2.58 26.48 0.70
C ALA B 149 -4.05 26.54 1.13
N SER B 150 -4.28 26.52 2.44
CA SER B 150 -5.63 26.64 2.97
C SER B 150 -6.19 28.05 2.81
N GLY B 151 -5.32 29.06 2.81
CA GLY B 151 -5.72 30.43 3.02
C GLY B 151 -5.99 30.78 4.47
N LYS B 152 -6.09 29.78 5.33
CA LYS B 152 -6.45 29.91 6.74
C LYS B 152 -5.24 29.67 7.63
N TRP B 153 -5.41 29.92 8.92
CA TRP B 153 -4.36 29.65 9.89
C TRP B 153 -4.44 28.20 10.34
N ILE B 154 -3.30 27.63 10.70
CA ILE B 154 -3.22 26.24 11.12
C ILE B 154 -2.48 26.12 12.44
N LYS B 155 -2.82 25.08 13.20
CA LYS B 155 -2.25 24.86 14.51
C LYS B 155 -1.01 23.98 14.39
N THR B 156 0.04 24.35 15.12
CA THR B 156 1.25 23.56 15.22
C THR B 156 1.76 23.64 16.64
N ASP B 157 2.43 22.57 17.08
CA ASP B 157 3.06 22.51 18.40
C ASP B 157 4.49 22.00 18.27
N PRO B 158 5.45 22.91 18.11
CA PRO B 158 6.85 22.46 17.93
C PRO B 158 7.35 21.58 19.06
N GLU B 159 6.78 21.74 20.24
CA GLU B 159 7.32 21.04 21.41
C GLU B 159 7.07 19.55 21.33
N ILE B 160 5.94 19.14 20.78
CA ILE B 160 5.65 17.71 20.63
C ILE B 160 6.66 17.06 19.69
N HIS B 161 7.03 17.75 18.62
CA HIS B 161 8.03 17.19 17.71
C HIS B 161 9.39 17.13 18.37
N LYS B 162 9.77 18.20 19.08
CA LYS B 162 11.01 18.19 19.85
C LYS B 162 11.02 17.04 20.85
N ASP B 163 9.90 16.81 21.54
CA ASP B 163 9.85 15.72 22.51
C ASP B 163 9.94 14.36 21.85
N LYS B 164 9.27 14.17 20.72
CA LYS B 164 9.29 12.87 20.08
C LYS B 164 10.68 12.54 19.57
N ALA B 165 11.42 13.57 19.11
CA ALA B 165 12.77 13.35 18.61
C ALA B 165 13.74 13.00 19.74
N THR B 166 13.64 13.69 20.88
CA THR B 166 14.50 13.35 22.00
C THR B 166 14.26 11.92 22.46
N ALA B 167 12.99 11.50 22.53
CA ALA B 167 12.67 10.14 22.96
C ALA B 167 13.23 9.10 21.99
N ALA B 168 13.08 9.33 20.67
CA ALA B 168 13.69 8.43 19.70
C ALA B 168 15.20 8.38 19.88
N HIS B 169 15.80 9.55 20.08
CA HIS B 169 17.24 9.65 20.24
C HIS B 169 17.72 8.87 21.47
N GLN B 170 17.04 9.04 22.61
CA GLN B 170 17.44 8.35 23.83
C GLN B 170 17.18 6.85 23.73
N ALA B 171 16.22 6.42 22.94
CA ALA B 171 16.01 5.00 22.74
C ALA B 171 16.93 4.41 21.67
N TYR B 172 17.80 5.21 21.05
CA TYR B 172 18.72 4.73 20.01
C TYR B 172 20.15 5.08 20.39
N ALA B 173 20.43 5.02 21.70
CA ALA B 173 21.74 5.29 22.28
C ALA B 173 22.34 6.61 21.78
N ASN B 174 21.47 7.63 21.64
CA ASN B 174 21.84 8.95 21.12
C ASN B 174 22.54 8.88 19.77
N GLU B 175 22.15 7.94 18.90
CA GLU B 175 22.63 7.95 17.52
C GLU B 175 21.52 8.25 16.51
N TRP B 176 20.26 8.36 16.94
CA TRP B 176 19.13 8.48 16.02
C TRP B 176 19.21 9.77 15.21
N LYS B 177 19.45 10.90 15.88
CA LYS B 177 19.46 12.18 15.18
C LYS B 177 20.58 12.25 14.15
N GLY B 178 21.72 11.63 14.44
CA GLY B 178 22.81 11.62 13.48
C GLY B 178 22.44 10.86 12.21
N LEU B 179 21.77 9.71 12.36
CA LEU B 179 21.40 8.93 11.18
C LEU B 179 20.40 9.69 10.34
N VAL B 180 19.52 10.46 10.98
CA VAL B 180 18.57 11.32 10.27
C VAL B 180 19.33 12.41 9.51
N ARG B 181 20.28 13.07 10.17
CA ARG B 181 21.02 14.11 9.45
C ARG B 181 21.75 13.55 8.23
N MSE B 182 22.14 12.27 8.27
CA MSE B 182 22.85 11.65 7.14
C MSE B 182 21.91 11.38 5.96
O MSE B 182 22.27 11.66 4.79
CB MSE B 182 23.51 10.35 7.56
CG MSE B 182 24.70 10.54 8.50
SE MSE B 182 25.50 8.82 9.08
CE MSE B 182 27.08 9.62 9.96
N VAL B 183 20.76 10.78 6.24
CA VAL B 183 19.83 10.48 5.16
C VAL B 183 19.31 11.78 4.55
N LYS B 184 19.06 12.79 5.39
CA LYS B 184 18.70 14.10 4.88
C LYS B 184 19.79 14.68 4.00
N TYR B 185 21.06 14.41 4.33
CA TYR B 185 22.14 14.90 3.47
C TYR B 185 22.10 14.19 2.12
N TRP B 186 21.87 12.86 2.13
CA TRP B 186 21.64 12.14 0.88
C TRP B 186 20.44 12.71 0.13
N ASN B 187 19.39 13.05 0.87
CA ASN B 187 18.18 13.56 0.24
C ASN B 187 18.42 14.88 -0.44
N ASN B 188 19.36 15.68 0.06
CA ASN B 188 19.69 16.99 -0.50
C ASN B 188 20.74 16.94 -1.59
N ASN B 189 21.15 15.74 -2.02
CA ASN B 189 22.31 15.64 -2.92
C ASN B 189 21.94 16.19 -4.31
N PRO B 190 22.72 17.12 -4.86
CA PRO B 190 22.42 17.61 -6.23
C PRO B 190 22.41 16.53 -7.29
N LYS B 191 22.93 15.34 -7.01
CA LYS B 191 22.93 14.31 -8.06
C LYS B 191 21.52 13.85 -8.38
N HIS B 192 20.56 14.05 -7.48
CA HIS B 192 19.18 13.66 -7.73
C HIS B 192 18.47 14.65 -8.65
N GLY B 193 19.02 15.85 -8.80
CA GLY B 193 18.42 16.87 -9.64
C GLY B 193 17.99 18.06 -8.82
N ASP B 194 16.92 18.71 -9.29
CA ASP B 194 16.38 19.86 -8.60
C ASP B 194 15.25 19.50 -7.64
N LEU B 195 14.77 18.26 -7.67
CA LEU B 195 13.68 17.81 -6.82
C LEU B 195 14.21 16.70 -5.92
N LYS B 196 14.08 16.88 -4.60
CA LYS B 196 14.60 15.90 -3.67
C LYS B 196 13.83 14.58 -3.82
N PRO B 197 14.47 13.44 -3.51
CA PRO B 197 13.72 12.18 -3.51
C PRO B 197 12.54 12.18 -2.56
N VAL B 198 12.68 12.79 -1.39
CA VAL B 198 11.63 12.81 -0.37
C VAL B 198 11.26 14.26 -0.06
N LYS B 199 9.96 14.56 -0.13
CA LYS B 199 9.43 15.89 0.11
C LYS B 199 8.23 15.76 1.06
N PRO B 200 8.14 16.58 2.11
CA PRO B 200 9.18 17.54 2.54
C PRO B 200 10.29 16.77 3.28
N SER B 201 11.42 17.40 3.63
CA SER B 201 12.46 16.62 4.30
C SER B 201 11.99 16.15 5.67
N PHE B 202 11.17 16.95 6.36
CA PHE B 202 10.58 16.53 7.62
C PHE B 202 10.01 15.12 7.56
N LEU B 203 9.52 14.67 6.40
CA LEU B 203 8.97 13.33 6.33
C LEU B 203 10.02 12.27 6.69
N ILE B 204 11.29 12.53 6.37
CA ILE B 204 12.35 11.61 6.74
C ILE B 204 12.39 11.44 8.26
N GLU B 205 12.33 12.56 8.98
CA GLU B 205 12.34 12.51 10.44
C GLU B 205 11.11 11.79 10.98
N VAL B 206 9.94 12.06 10.41
CA VAL B 206 8.71 11.46 10.93
C VAL B 206 8.73 9.96 10.73
N MSE B 207 9.20 9.49 9.59
CA MSE B 207 9.27 8.06 9.33
C MSE B 207 10.31 7.42 10.22
O MSE B 207 10.15 6.27 10.64
CB MSE B 207 9.63 7.78 7.84
CG MSE B 207 8.60 8.32 6.85
SE MSE B 207 9.09 7.98 5.01
CE MSE B 207 9.11 6.07 5.06
N ALA B 208 11.38 8.18 10.49
CA ALA B 208 12.45 7.69 11.35
C ALA B 208 11.95 7.40 12.76
N LEU B 209 10.90 8.11 13.21
CA LEU B 209 10.31 7.82 14.52
C LEU B 209 9.88 6.38 14.63
N GLU B 210 9.44 5.79 13.51
CA GLU B 210 9.08 4.38 13.51
C GLU B 210 10.01 3.52 12.68
N CYS B 211 10.71 4.07 11.70
CA CYS B 211 11.53 3.23 10.84
C CYS B 211 12.92 2.95 11.39
N LEU B 212 13.41 3.81 12.28
CA LEU B 212 14.60 3.55 13.09
C LEU B 212 14.11 3.15 14.48
N TYR B 213 14.07 1.85 14.75
CA TYR B 213 13.52 1.35 16.01
C TYR B 213 14.34 0.15 16.49
N GLY B 214 14.05 -0.28 17.71
CA GLY B 214 15.00 -1.13 18.41
C GLY B 214 16.11 -0.20 18.88
N GLY B 215 17.26 -0.77 19.18
CA GLY B 215 18.41 0.02 19.60
C GLY B 215 19.43 0.21 18.49
N TRP B 216 20.58 0.75 18.89
CA TRP B 216 21.71 1.05 18.01
C TRP B 216 22.62 -0.16 17.95
N GLY B 217 22.94 -0.63 16.74
CA GLY B 217 23.67 -1.86 16.54
C GLY B 217 25.17 -1.75 16.63
N GLY B 218 25.72 -0.55 16.44
CA GLY B 218 27.14 -0.32 16.49
C GLY B 218 27.80 0.02 15.16
N SER B 219 27.23 -0.41 14.02
CA SER B 219 27.88 -0.26 12.71
C SER B 219 27.10 0.72 11.84
N PHE B 220 27.71 1.86 11.51
CA PHE B 220 27.03 2.88 10.71
C PHE B 220 26.65 2.36 9.33
N ASP B 221 27.53 1.59 8.68
CA ASP B 221 27.20 1.21 7.31
C ASP B 221 26.00 0.27 7.28
N ARG B 222 25.93 -0.69 8.20
CA ARG B 222 24.77 -1.58 8.24
C ARG B 222 23.51 -0.83 8.68
N GLU B 223 23.63 0.06 9.68
CA GLU B 223 22.49 0.88 10.10
C GLU B 223 21.95 1.71 8.95
N ILE B 224 22.83 2.33 8.16
CA ILE B 224 22.38 3.20 7.09
C ILE B 224 21.74 2.39 5.98
N GLN B 225 22.37 1.28 5.60
CA GLN B 225 21.74 0.39 4.62
C GLN B 225 20.33 -0.01 5.06
N SER B 226 20.18 -0.53 6.29
CA SER B 226 18.86 -0.99 6.73
C SER B 226 17.87 0.15 6.76
N PHE B 227 18.31 1.32 7.23
CA PHE B 227 17.44 2.49 7.27
C PHE B 227 16.93 2.84 5.87
N PHE B 228 17.83 2.89 4.88
CA PHE B 228 17.40 3.12 3.51
C PHE B 228 16.38 2.08 3.05
N ALA B 229 16.64 0.80 3.33
CA ALA B 229 15.75 -0.24 2.82
C ALA B 229 14.37 -0.14 3.46
N THR B 230 14.30 0.24 4.75
CA THR B 230 13.01 0.38 5.43
C THR B 230 12.27 1.63 4.95
N LEU B 231 12.99 2.74 4.77
CA LEU B 231 12.36 3.94 4.23
C LEU B 231 11.75 3.66 2.86
N ALA B 232 12.41 2.83 2.06
CA ALA B 232 11.88 2.48 0.75
C ALA B 232 10.62 1.63 0.87
N ASP B 233 10.62 0.67 1.80
CA ASP B 233 9.47 -0.22 1.98
C ASP B 233 8.24 0.51 2.50
N ARG B 234 8.41 1.66 3.17
CA ARG B 234 7.31 2.27 3.91
C ARG B 234 6.99 3.70 3.49
N VAL B 235 7.65 4.25 2.47
CA VAL B 235 7.36 5.63 2.07
C VAL B 235 5.95 5.76 1.49
N HIS B 236 5.33 4.66 1.06
CA HIS B 236 3.96 4.70 0.54
C HIS B 236 2.92 4.59 1.65
N ASP B 237 3.31 4.22 2.87
CA ASP B 237 2.40 4.25 4.00
C ASP B 237 1.94 5.68 4.28
N GLU B 238 0.87 5.79 5.07
CA GLU B 238 0.40 7.09 5.53
C GLU B 238 1.18 7.47 6.79
N TRP B 239 1.72 8.68 6.80
CA TRP B 239 2.48 9.19 7.94
C TRP B 239 1.72 10.37 8.52
N PRO B 240 0.85 10.14 9.49
CA PRO B 240 0.08 11.24 10.09
C PRO B 240 0.99 12.27 10.73
N ASP B 241 0.43 13.44 10.95
CA ASP B 241 1.14 14.44 11.74
C ASP B 241 1.37 13.87 13.14
N PRO B 242 2.62 13.76 13.60
CA PRO B 242 2.86 13.27 14.96
C PRO B 242 2.16 14.10 16.03
N ALA B 243 1.93 15.39 15.77
CA ALA B 243 1.23 16.24 16.72
C ALA B 243 -0.29 16.11 16.61
N GLY B 244 -0.79 15.48 15.55
CA GLY B 244 -2.23 15.33 15.38
C GLY B 244 -2.98 16.61 15.04
N LEU B 245 -2.27 17.68 14.66
CA LEU B 245 -2.89 18.96 14.37
C LEU B 245 -3.18 19.13 12.88
N GLY B 246 -2.24 18.77 12.00
CA GLY B 246 -2.40 19.00 10.59
C GLY B 246 -2.74 17.74 9.83
N PRO B 247 -2.70 17.84 8.49
CA PRO B 247 -2.89 16.64 7.66
C PRO B 247 -1.61 15.81 7.59
N ALA B 248 -1.77 14.59 7.08
CA ALA B 248 -0.68 13.62 7.08
C ALA B 248 0.56 14.16 6.35
N ILE B 249 1.73 13.92 6.96
CA ILE B 249 2.97 14.46 6.39
C ILE B 249 3.25 13.87 5.01
N SER B 250 2.74 12.68 4.72
CA SER B 250 2.98 12.00 3.46
C SER B 250 2.09 12.49 2.33
N ASN B 251 1.43 13.65 2.45
CA ASN B 251 0.44 14.04 1.46
C ASN B 251 0.97 15.01 0.43
N ASP B 252 2.20 15.51 0.59
CA ASP B 252 2.71 16.50 -0.37
C ASP B 252 3.18 15.87 -1.66
N MSE B 253 3.50 14.59 -1.67
CA MSE B 253 3.97 13.96 -2.90
C MSE B 253 2.80 13.27 -3.58
O MSE B 253 2.06 12.53 -2.92
CB MSE B 253 5.10 12.96 -2.61
CG MSE B 253 6.36 13.58 -2.01
SE MSE B 253 7.81 12.32 -1.91
CE MSE B 253 7.14 11.20 -0.52
N ASP B 254 2.64 13.48 -4.89
CA ASP B 254 1.64 12.67 -5.58
C ASP B 254 2.18 11.25 -5.79
N ALA B 255 1.31 10.38 -6.31
CA ALA B 255 1.69 8.98 -6.45
C ALA B 255 2.92 8.80 -7.33
N ALA B 256 3.14 9.69 -8.29
CA ALA B 256 4.30 9.51 -9.15
C ALA B 256 5.57 9.93 -8.44
N ARG B 257 5.52 11.05 -7.71
CA ARG B 257 6.65 11.46 -6.90
C ARG B 257 7.02 10.38 -5.87
N LYS B 258 6.01 9.77 -5.24
CA LYS B 258 6.25 8.75 -4.22
C LYS B 258 6.87 7.50 -4.80
N GLN B 259 6.43 7.11 -6.00
CA GLN B 259 7.02 5.96 -6.65
C GLN B 259 8.49 6.20 -6.91
N ARG B 260 8.85 7.46 -7.20
CA ARG B 260 10.23 7.85 -7.44
C ARG B 260 11.03 7.85 -6.15
N ALA B 261 10.47 8.46 -5.10
CA ALA B 261 11.06 8.37 -3.76
C ALA B 261 11.44 6.93 -3.45
N GLN B 262 10.53 5.98 -3.66
CA GLN B 262 10.79 4.61 -3.28
C GLN B 262 11.89 4.01 -4.15
N GLN B 263 11.93 4.36 -5.44
CA GLN B 263 12.99 3.84 -6.30
C GLN B 263 14.34 4.41 -5.91
N LEU B 264 14.39 5.70 -5.59
CA LEU B 264 15.66 6.29 -5.19
C LEU B 264 16.11 5.77 -3.83
N LEU B 265 15.18 5.61 -2.89
CA LEU B 265 15.55 5.10 -1.58
C LEU B 265 16.05 3.66 -1.70
N PHE B 266 15.40 2.89 -2.58
CA PHE B 266 15.81 1.52 -2.83
C PHE B 266 17.20 1.49 -3.48
N GLN B 267 17.47 2.41 -4.41
CA GLN B 267 18.78 2.47 -5.04
C GLN B 267 19.87 2.83 -4.03
N ALA B 268 19.55 3.74 -3.10
CA ALA B 268 20.48 4.05 -2.01
C ALA B 268 20.83 2.80 -1.20
N SER B 269 19.82 1.97 -0.87
CA SER B 269 20.13 0.77 -0.10
C SER B 269 20.97 -0.20 -0.92
N GLN B 270 20.71 -0.29 -2.22
CA GLN B 270 21.57 -1.10 -3.10
C GLN B 270 23.00 -0.56 -3.16
N ASP B 271 23.15 0.76 -3.37
CA ASP B 271 24.49 1.37 -3.31
C ASP B 271 25.15 1.09 -1.97
N ALA B 272 24.41 1.27 -0.88
CA ALA B 272 24.92 0.97 0.46
C ALA B 272 25.33 -0.49 0.59
N SER B 273 24.52 -1.40 0.04
CA SER B 273 24.85 -2.82 0.12
C SER B 273 26.15 -3.12 -0.62
N ILE B 274 26.32 -2.48 -1.78
CA ILE B 274 27.57 -2.61 -2.54
C ILE B 274 28.75 -2.10 -1.70
N ALA B 275 28.57 -0.98 -1.01
CA ALA B 275 29.65 -0.46 -0.18
C ALA B 275 29.99 -1.44 0.92
N ILE B 276 28.97 -2.02 1.56
CA ILE B 276 29.20 -2.98 2.64
C ILE B 276 29.92 -4.20 2.10
N ASP B 277 29.51 -4.67 0.90
CA ASP B 277 30.15 -5.84 0.32
C ASP B 277 31.63 -5.57 0.03
N HIS B 278 31.94 -4.39 -0.51
CA HIS B 278 33.35 -3.98 -0.66
C HIS B 278 34.10 -4.09 0.66
N ALA B 279 33.52 -3.50 1.72
CA ALA B 279 34.18 -3.49 3.03
C ALA B 279 34.38 -4.89 3.57
N ARG B 280 33.36 -5.74 3.45
CA ARG B 280 33.44 -7.09 4.00
C ARG B 280 34.54 -7.90 3.34
N ARG B 281 34.86 -7.62 2.08
CA ARG B 281 35.90 -8.36 1.38
C ARG B 281 37.25 -7.65 1.40
N GLY B 282 37.42 -6.67 2.29
CA GLY B 282 38.69 -5.97 2.42
C GLY B 282 38.98 -4.92 1.38
N ARG B 283 38.01 -4.51 0.57
CA ARG B 283 38.22 -3.43 -0.40
C ARG B 283 37.76 -2.10 0.21
N ASN B 284 38.52 -1.63 1.20
CA ASN B 284 38.06 -0.48 1.99
C ASN B 284 37.99 0.82 1.16
N ILE B 285 39.01 1.09 0.34
CA ILE B 285 38.96 2.27 -0.53
C ILE B 285 37.75 2.21 -1.47
N GLU B 286 37.49 1.05 -2.08
CA GLU B 286 36.28 0.90 -2.90
C GLU B 286 35.04 1.23 -2.09
N ALA B 287 34.95 0.70 -0.87
CA ALA B 287 33.79 0.98 -0.02
C ALA B 287 33.64 2.47 0.22
N LEU B 288 34.72 3.15 0.62
CA LEU B 288 34.64 4.59 0.85
C LEU B 288 34.27 5.34 -0.42
N ARG B 289 34.81 4.93 -1.57
CA ARG B 289 34.40 5.57 -2.81
C ARG B 289 32.92 5.35 -3.06
N ALA B 290 32.42 4.15 -2.76
CA ALA B 290 31.00 3.89 -2.94
C ALA B 290 30.16 4.76 -2.00
N TRP B 291 30.57 4.85 -0.73
CA TRP B 291 29.86 5.74 0.20
C TRP B 291 29.90 7.19 -0.26
N ARG B 292 30.96 7.60 -0.96
CA ARG B 292 31.07 8.99 -1.37
C ARG B 292 30.21 9.28 -2.59
N ALA B 293 30.04 8.31 -3.49
CA ALA B 293 29.08 8.49 -4.58
C ALA B 293 27.66 8.60 -4.05
N LEU B 294 27.35 7.88 -2.96
CA LEU B 294 26.00 7.95 -2.40
C LEU B 294 25.76 9.31 -1.74
N PHE B 295 26.63 9.72 -0.80
CA PHE B 295 26.35 10.91 0.00
C PHE B 295 26.81 12.22 -0.63
N GLY B 296 28.00 12.22 -1.24
CA GLY B 296 28.57 13.45 -1.72
C GLY B 296 29.86 13.81 -1.00
N PRO B 297 30.38 14.99 -1.31
CA PRO B 297 31.77 15.31 -0.94
C PRO B 297 32.00 15.42 0.56
N LYS B 298 30.98 15.73 1.35
CA LYS B 298 31.14 15.73 2.80
C LYS B 298 31.58 14.37 3.34
N PHE B 299 31.25 13.28 2.65
CA PHE B 299 31.68 11.98 3.16
C PHE B 299 33.18 11.85 2.94
N PRO B 300 33.98 11.57 3.96
CA PRO B 300 35.45 11.68 3.83
C PRO B 300 36.06 10.44 3.21
N LEU B 301 36.94 10.63 2.23
CA LEU B 301 37.72 9.53 1.69
C LEU B 301 39.04 9.34 2.42
N SER B 302 39.29 10.10 3.49
CA SER B 302 40.57 10.09 4.19
C SER B 302 40.59 11.03 5.38
N SER C 1 -22.08 -12.57 -15.31
CA SER C 1 -22.03 -12.78 -13.87
C SER C 1 -21.70 -11.47 -13.15
N ASN C 2 -21.63 -11.54 -11.81
CA ASN C 2 -21.35 -10.36 -11.01
C ASN C 2 -19.84 -10.17 -10.89
N ALA C 3 -19.39 -8.92 -11.02
CA ALA C 3 -17.97 -8.60 -10.91
C ALA C 3 -17.40 -9.18 -9.62
N LEU C 4 -16.14 -9.64 -9.70
CA LEU C 4 -15.47 -10.22 -8.54
C LEU C 4 -14.95 -9.15 -7.61
N SER C 5 -15.08 -9.37 -6.32
CA SER C 5 -14.28 -8.60 -5.39
C SER C 5 -12.80 -9.04 -5.47
N ILE C 6 -11.92 -8.23 -4.87
CA ILE C 6 -10.51 -8.58 -4.85
C ILE C 6 -10.31 -9.95 -4.22
N ASP C 7 -10.98 -10.19 -3.08
CA ASP C 7 -10.81 -11.46 -2.38
C ASP C 7 -11.36 -12.63 -3.18
N GLU C 8 -12.46 -12.43 -3.90
CA GLU C 8 -13.00 -13.51 -4.72
C GLU C 8 -12.08 -13.82 -5.90
N ALA C 9 -11.45 -12.78 -6.47
CA ALA C 9 -10.54 -13.03 -7.58
C ALA C 9 -9.31 -13.81 -7.12
N PHE C 10 -8.76 -13.45 -5.96
CA PHE C 10 -7.60 -14.20 -5.48
C PHE C 10 -7.97 -15.62 -5.08
N ARG C 11 -9.14 -15.83 -4.46
CA ARG C 11 -9.49 -17.19 -4.05
C ARG C 11 -9.73 -18.09 -5.27
N LYS C 12 -10.24 -17.53 -6.35
CA LYS C 12 -10.41 -18.29 -7.58
C LYS C 12 -9.05 -18.56 -8.23
N PHE C 13 -8.13 -17.57 -8.17
CA PHE C 13 -6.75 -17.78 -8.57
C PHE C 13 -6.10 -18.89 -7.75
N LYS C 14 -6.23 -18.82 -6.43
CA LYS C 14 -5.75 -19.89 -5.56
C LYS C 14 -6.28 -21.24 -6.02
N SER C 15 -7.59 -21.30 -6.28
CA SER C 15 -8.23 -22.55 -6.70
C SER C 15 -7.68 -23.03 -8.04
N ARG C 16 -7.46 -22.11 -8.99
CA ARG C 16 -6.92 -22.52 -10.28
C ARG C 16 -5.50 -23.07 -10.15
N LEU C 17 -4.74 -22.61 -9.17
CA LEU C 17 -3.39 -23.10 -8.95
C LEU C 17 -3.34 -24.33 -8.05
N GLU C 18 -4.48 -24.82 -7.58
CA GLU C 18 -4.51 -25.99 -6.71
C GLU C 18 -4.56 -27.27 -7.52
N LEU C 19 -3.85 -28.29 -7.05
CA LEU C 19 -3.85 -29.60 -7.65
C LEU C 19 -5.25 -30.18 -7.59
N ASN C 20 -5.79 -30.60 -8.72
CA ASN C 20 -7.08 -31.26 -8.74
C ASN C 20 -6.91 -32.75 -8.98
N GLU C 21 -8.03 -33.49 -8.94
CA GLU C 21 -7.94 -34.94 -8.94
C GLU C 21 -7.46 -35.46 -10.28
N ARG C 22 -7.99 -34.92 -11.39
CA ARG C 22 -7.54 -35.39 -12.70
C ARG C 22 -6.04 -35.22 -12.86
N GLU C 23 -5.49 -34.11 -12.34
CA GLU C 23 -4.05 -33.88 -12.43
C GLU C 23 -3.28 -34.88 -11.58
N GLN C 24 -3.81 -35.22 -10.40
CA GLN C 24 -3.13 -36.20 -9.54
C GLN C 24 -3.07 -37.56 -10.22
N LYS C 25 -4.18 -38.01 -10.79
CA LYS C 25 -4.20 -39.30 -11.48
C LYS C 25 -3.24 -39.30 -12.65
N ASN C 26 -3.21 -38.21 -13.41
CA ASN C 26 -2.31 -38.15 -14.55
C ASN C 26 -0.85 -38.15 -14.11
N ALA C 27 -0.54 -37.52 -12.99
CA ALA C 27 0.81 -37.61 -12.45
C ALA C 27 1.13 -39.04 -12.02
N SER C 28 0.17 -39.72 -11.37
CA SER C 28 0.40 -41.08 -10.93
C SER C 28 0.61 -42.02 -12.11
N GLN C 29 -0.09 -41.77 -13.22
CA GLN C 29 0.08 -42.63 -14.38
C GLN C 29 1.44 -42.43 -15.02
N ARG C 30 1.89 -41.18 -15.11
CA ARG C 30 3.21 -40.94 -15.71
C ARG C 30 4.31 -41.54 -14.86
N GLN C 31 4.17 -41.52 -13.53
CA GLN C 31 5.16 -42.16 -12.69
C GLN C 31 5.18 -43.66 -12.92
N ASN C 32 4.00 -44.28 -13.02
CA ASN C 32 3.94 -45.71 -13.30
C ASN C 32 4.55 -46.03 -14.65
N GLU C 33 4.28 -45.20 -15.66
CA GLU C 33 4.85 -45.42 -16.99
C GLU C 33 6.37 -45.38 -16.94
N VAL C 34 6.92 -44.36 -16.28
CA VAL C 34 8.36 -44.21 -16.30
C VAL C 34 9.02 -45.22 -15.36
N ARG C 35 8.39 -45.51 -14.23
CA ARG C 35 8.96 -46.53 -13.34
C ARG C 35 9.00 -47.87 -14.04
N ASP C 36 7.88 -48.31 -14.61
CA ASP C 36 7.81 -49.65 -15.20
C ASP C 36 8.86 -49.84 -16.29
N TYR C 37 9.07 -48.83 -17.14
CA TYR C 37 10.10 -48.94 -18.17
C TYR C 37 11.49 -48.96 -17.56
N LEU C 38 11.79 -47.97 -16.70
CA LEU C 38 13.12 -47.89 -16.12
C LEU C 38 13.45 -49.15 -15.33
N GLN C 39 12.44 -49.80 -14.75
CA GLN C 39 12.70 -51.03 -14.00
C GLN C 39 13.24 -52.13 -14.89
N THR C 40 12.84 -52.16 -16.17
CA THR C 40 13.38 -53.15 -17.08
C THR C 40 14.86 -52.90 -17.38
N LYS C 41 15.33 -51.67 -17.17
CA LYS C 41 16.69 -51.32 -17.57
C LYS C 41 17.60 -50.98 -16.40
N PHE C 42 17.08 -50.95 -15.17
CA PHE C 42 17.92 -50.73 -14.01
C PHE C 42 17.38 -51.50 -12.82
N GLY C 43 18.21 -51.65 -11.81
CA GLY C 43 17.76 -52.16 -10.53
C GLY C 43 17.15 -51.04 -9.71
N ILE C 44 15.82 -50.98 -9.69
CA ILE C 44 15.09 -49.91 -9.01
C ILE C 44 14.18 -50.55 -7.97
N ALA C 45 14.41 -50.22 -6.70
CA ALA C 45 13.58 -50.78 -5.64
C ALA C 45 12.19 -50.16 -5.63
N ARG C 46 12.12 -48.83 -5.72
CA ARG C 46 10.86 -48.11 -5.60
C ARG C 46 11.07 -46.69 -6.12
N SER C 47 9.98 -46.07 -6.55
CA SER C 47 9.98 -44.67 -6.95
C SER C 47 8.87 -43.93 -6.21
N PHE C 48 9.12 -42.68 -5.83
CA PHE C 48 8.07 -41.86 -5.27
C PHE C 48 8.10 -40.45 -5.87
N LEU C 49 6.91 -39.90 -6.08
CA LEU C 49 6.77 -38.48 -6.42
C LEU C 49 7.22 -37.62 -5.24
N THR C 50 8.02 -36.61 -5.52
CA THR C 50 8.57 -35.78 -4.44
C THR C 50 8.68 -34.33 -4.91
N GLY C 51 9.48 -33.53 -4.20
CA GLY C 51 9.62 -32.14 -4.57
C GLY C 51 8.33 -31.35 -4.36
N SER C 52 8.26 -30.19 -5.04
CA SER C 52 7.15 -29.26 -4.82
C SER C 52 5.80 -29.90 -5.19
N TYR C 53 5.79 -30.84 -6.13
CA TYR C 53 4.55 -31.57 -6.38
C TYR C 53 4.03 -32.22 -5.11
N ALA C 54 4.92 -32.78 -4.29
CA ALA C 54 4.49 -33.53 -3.12
C ALA C 54 4.25 -32.64 -1.91
N ARG C 55 4.86 -31.46 -1.88
CA ARG C 55 4.60 -30.49 -0.84
C ARG C 55 3.40 -29.59 -1.15
N TYR C 56 2.76 -29.81 -2.31
CA TYR C 56 1.68 -28.95 -2.81
C TYR C 56 2.12 -27.49 -2.93
N THR C 57 3.39 -27.29 -3.30
CA THR C 57 3.88 -25.95 -3.60
C THR C 57 4.26 -25.80 -5.07
N LYS C 58 3.74 -26.65 -5.95
CA LYS C 58 4.05 -26.58 -7.37
C LYS C 58 2.95 -25.80 -8.09
N THR C 59 3.35 -24.87 -8.95
CA THR C 59 2.39 -24.00 -9.59
C THR C 59 1.93 -24.57 -10.95
N LYS C 60 1.00 -23.88 -11.59
CA LYS C 60 0.51 -24.42 -12.86
C LYS C 60 1.19 -23.72 -14.03
N PRO C 61 1.31 -24.36 -15.20
CA PRO C 61 0.99 -25.77 -15.46
C PRO C 61 2.03 -26.69 -14.85
N LEU C 62 1.62 -27.90 -14.51
CA LEU C 62 2.46 -28.82 -13.76
C LEU C 62 3.59 -29.31 -14.65
N LYS C 63 4.80 -28.79 -14.40
CA LYS C 63 6.00 -29.13 -15.15
C LYS C 63 7.06 -29.65 -14.18
N ASP C 64 8.04 -30.35 -14.72
CA ASP C 64 9.25 -30.72 -13.98
C ASP C 64 8.92 -31.44 -12.67
N ILE C 65 7.96 -32.35 -12.74
CA ILE C 65 7.54 -33.10 -11.56
C ILE C 65 8.64 -34.09 -11.17
N ASP C 66 9.17 -33.95 -9.97
CA ASP C 66 10.26 -34.77 -9.46
C ASP C 66 9.80 -36.17 -9.10
N ILE C 67 10.50 -37.19 -9.61
CA ILE C 67 10.33 -38.58 -9.18
C ILE C 67 11.70 -39.10 -8.77
N PHE C 68 11.84 -39.50 -7.50
CA PHE C 68 13.04 -40.21 -7.10
C PHE C 68 12.95 -41.65 -7.53
N PHE C 69 14.00 -42.13 -8.17
CA PHE C 69 14.12 -43.54 -8.55
C PHE C 69 15.20 -44.14 -7.66
N VAL C 70 14.79 -44.94 -6.69
CA VAL C 70 15.68 -45.46 -5.67
C VAL C 70 16.33 -46.74 -6.21
N LEU C 71 17.62 -46.65 -6.50
CA LEU C 71 18.36 -47.79 -7.02
C LEU C 71 18.64 -48.80 -5.91
N LYS C 72 18.60 -50.07 -6.27
CA LYS C 72 18.92 -51.14 -5.34
C LYS C 72 20.43 -51.17 -5.07
N ASP C 73 20.81 -51.94 -4.05
CA ASP C 73 22.22 -52.09 -3.72
C ASP C 73 23.00 -52.69 -4.89
N SER C 74 22.35 -53.52 -5.71
CA SER C 74 23.02 -54.10 -6.86
C SER C 74 23.55 -53.04 -7.82
N GLU C 75 22.96 -51.84 -7.82
CA GLU C 75 23.39 -50.76 -8.69
C GLU C 75 24.28 -49.76 -7.98
N LYS C 76 24.77 -50.09 -6.79
CA LYS C 76 25.55 -49.16 -5.99
C LYS C 76 26.87 -48.76 -6.63
N HIS C 77 27.25 -49.38 -7.76
CA HIS C 77 28.47 -48.96 -8.46
C HIS C 77 28.39 -47.52 -8.93
N TYR C 78 27.20 -47.09 -9.39
CA TYR C 78 27.03 -45.70 -9.80
C TYR C 78 27.41 -44.73 -8.69
N HIS C 79 27.19 -45.12 -7.43
CA HIS C 79 27.45 -44.18 -6.34
C HIS C 79 28.94 -43.84 -6.23
N GLY C 80 29.81 -44.70 -6.75
CA GLY C 80 31.24 -44.47 -6.69
C GLY C 80 31.75 -43.76 -7.92
N LYS C 81 31.04 -43.93 -9.04
CA LYS C 81 31.40 -43.25 -10.28
C LYS C 81 30.91 -41.81 -10.27
N ALA C 82 31.32 -41.06 -11.29
CA ALA C 82 30.94 -39.66 -11.37
C ALA C 82 29.45 -39.52 -11.65
N ALA C 83 28.92 -38.34 -11.32
CA ALA C 83 27.48 -38.10 -11.53
C ALA C 83 27.09 -38.32 -12.99
N SER C 84 27.98 -37.96 -13.92
CA SER C 84 27.67 -38.05 -15.34
C SER C 84 27.31 -39.46 -15.77
N VAL C 85 27.87 -40.48 -15.10
CA VAL C 85 27.68 -41.85 -15.57
C VAL C 85 26.23 -42.28 -15.43
N VAL C 86 25.68 -42.16 -14.22
CA VAL C 86 24.29 -42.51 -13.97
C VAL C 86 23.35 -41.70 -14.85
N LEU C 87 23.54 -40.39 -14.88
CA LEU C 87 22.67 -39.52 -15.66
C LEU C 87 22.74 -39.87 -17.15
N ASP C 88 23.95 -40.15 -17.66
CA ASP C 88 24.09 -40.57 -19.05
C ASP C 88 23.37 -41.89 -19.30
N ASP C 89 23.48 -42.84 -18.39
CA ASP C 89 22.78 -44.12 -18.59
C ASP C 89 21.27 -43.91 -18.56
N PHE C 90 20.78 -43.17 -17.55
CA PHE C 90 19.37 -42.82 -17.49
C PHE C 90 18.94 -42.07 -18.75
N HIS C 91 19.71 -41.05 -19.15
CA HIS C 91 19.39 -40.32 -20.37
C HIS C 91 19.27 -41.26 -21.56
N SER C 92 20.31 -42.06 -21.79
CA SER C 92 20.33 -42.96 -22.94
C SER C 92 19.19 -43.96 -22.88
N ALA C 93 18.85 -44.44 -21.68
CA ALA C 93 17.74 -45.39 -21.58
C ALA C 93 16.41 -44.70 -21.89
N LEU C 94 16.24 -43.46 -21.45
CA LEU C 94 14.98 -42.78 -21.70
C LEU C 94 14.86 -42.31 -23.15
N VAL C 95 16.01 -42.07 -23.82
CA VAL C 95 15.95 -41.71 -25.23
C VAL C 95 15.43 -42.88 -26.08
N GLU C 96 15.69 -44.12 -25.66
CA GLU C 96 15.18 -45.27 -26.41
C GLU C 96 13.67 -45.32 -26.42
N LYS C 97 13.03 -44.88 -25.33
CA LYS C 97 11.58 -44.96 -25.24
C LYS C 97 10.89 -43.71 -25.78
N TYR C 98 11.50 -42.53 -25.62
CA TYR C 98 10.83 -41.28 -25.91
C TYR C 98 11.43 -40.48 -27.06
N GLY C 99 12.65 -40.77 -27.48
CA GLY C 99 13.30 -40.00 -28.50
C GLY C 99 14.13 -38.85 -27.92
N SER C 100 15.06 -38.37 -28.75
CA SER C 100 16.04 -37.41 -28.26
C SER C 100 15.40 -36.07 -27.90
N ALA C 101 14.39 -35.65 -28.65
CA ALA C 101 13.82 -34.32 -28.45
C ALA C 101 13.08 -34.22 -27.12
N ALA C 102 12.41 -35.30 -26.69
CA ALA C 102 11.62 -35.28 -25.47
C ALA C 102 12.47 -35.42 -24.21
N VAL C 103 13.66 -35.97 -24.32
CA VAL C 103 14.51 -36.27 -23.18
C VAL C 103 15.64 -35.26 -23.14
N ARG C 104 15.90 -34.69 -21.95
CA ARG C 104 16.90 -33.64 -21.80
C ARG C 104 17.69 -33.87 -20.51
N LYS C 105 19.01 -33.92 -20.64
CA LYS C 105 19.87 -34.04 -19.48
C LYS C 105 19.87 -32.75 -18.68
N GLN C 106 19.81 -32.89 -17.35
CA GLN C 106 19.93 -31.76 -16.44
C GLN C 106 20.98 -32.08 -15.38
N ALA C 107 21.17 -31.16 -14.44
CA ALA C 107 22.30 -31.25 -13.52
C ALA C 107 22.14 -32.41 -12.53
N ARG C 108 20.90 -32.78 -12.19
CA ARG C 108 20.66 -33.79 -11.17
C ARG C 108 19.58 -34.78 -11.59
N SER C 109 19.12 -34.74 -12.83
CA SER C 109 17.95 -35.49 -13.22
C SER C 109 17.90 -35.53 -14.74
N ILE C 110 17.01 -36.36 -15.25
CA ILE C 110 16.73 -36.44 -16.68
C ILE C 110 15.27 -36.05 -16.86
N ASN C 111 15.03 -34.99 -17.64
CA ASN C 111 13.67 -34.52 -17.90
C ASN C 111 13.04 -35.33 -19.02
N VAL C 112 11.84 -35.86 -18.76
CA VAL C 112 11.04 -36.51 -19.78
C VAL C 112 9.84 -35.61 -20.07
N ASP C 113 9.82 -35.03 -21.27
CA ASP C 113 8.70 -34.21 -21.72
C ASP C 113 7.72 -35.10 -22.47
N PHE C 114 6.43 -34.93 -22.20
CA PHE C 114 5.39 -35.78 -22.78
C PHE C 114 4.67 -35.13 -23.96
N GLY C 115 5.19 -34.04 -24.51
CA GLY C 115 4.54 -33.39 -25.65
C GLY C 115 3.12 -32.96 -25.38
N VAL C 116 2.87 -32.39 -24.20
CA VAL C 116 1.56 -31.87 -23.83
C VAL C 116 1.49 -30.41 -24.24
N HIS C 117 0.41 -30.03 -24.92
CA HIS C 117 0.29 -28.66 -25.38
C HIS C 117 -0.20 -27.73 -24.27
N ILE C 118 0.51 -26.63 -24.06
CA ILE C 118 0.13 -25.61 -23.10
C ILE C 118 -0.51 -24.46 -23.86
N ASP C 119 -1.81 -24.21 -23.62
CA ASP C 119 -2.50 -23.15 -24.33
C ASP C 119 -2.10 -21.79 -23.76
N ALA C 120 -2.64 -20.73 -24.37
CA ALA C 120 -2.29 -19.36 -24.01
C ALA C 120 -2.63 -19.04 -22.57
N GLU C 121 -3.60 -19.75 -21.98
CA GLU C 121 -4.03 -19.51 -20.62
C GLU C 121 -3.47 -20.53 -19.64
N ASP C 122 -2.41 -21.25 -20.04
CA ASP C 122 -1.67 -22.15 -19.16
C ASP C 122 -2.48 -23.38 -18.77
N ASN C 123 -3.38 -23.78 -19.65
CA ASN C 123 -4.17 -25.00 -19.45
C ASN C 123 -3.60 -26.12 -20.30
N THR C 124 -3.64 -27.33 -19.77
CA THR C 124 -3.08 -28.49 -20.44
C THR C 124 -4.08 -29.62 -20.58
N ASP C 125 -5.36 -29.36 -20.31
CA ASP C 125 -6.37 -30.40 -20.21
C ASP C 125 -6.01 -31.39 -19.10
N TYR C 126 -5.61 -30.86 -17.95
CA TYR C 126 -5.41 -31.64 -16.72
C TYR C 126 -4.32 -32.70 -16.87
N ARG C 127 -3.33 -32.45 -17.72
CA ARG C 127 -2.21 -33.37 -17.93
C ARG C 127 -0.93 -32.73 -17.42
N VAL C 128 -0.04 -33.54 -16.82
CA VAL C 128 1.28 -33.05 -16.48
C VAL C 128 2.12 -32.95 -17.74
N VAL C 129 3.03 -31.96 -17.77
CA VAL C 129 3.80 -31.64 -18.97
C VAL C 129 5.09 -32.45 -19.04
N SER C 130 5.74 -32.68 -17.90
CA SER C 130 7.06 -33.32 -17.88
C SER C 130 7.34 -33.81 -16.45
N VAL C 131 8.22 -34.81 -16.35
CA VAL C 131 8.74 -35.27 -15.06
C VAL C 131 10.27 -35.20 -15.08
N ASP C 132 10.85 -35.09 -13.88
CA ASP C 132 12.30 -35.15 -13.69
C ASP C 132 12.65 -36.48 -13.02
N ALA C 133 13.37 -37.35 -13.73
CA ALA C 133 13.77 -38.67 -13.23
C ALA C 133 15.07 -38.53 -12.46
N VAL C 134 15.03 -38.75 -11.15
CA VAL C 134 16.17 -38.48 -10.28
C VAL C 134 16.73 -39.81 -9.77
N PRO C 135 17.92 -40.23 -10.19
CA PRO C 135 18.53 -41.42 -9.59
C PRO C 135 18.90 -41.14 -8.14
N ALA C 136 18.59 -42.09 -7.28
CA ALA C 136 18.78 -41.89 -5.85
C ALA C 136 19.26 -43.17 -5.20
N PHE C 137 20.05 -43.01 -4.15
CA PHE C 137 20.40 -44.09 -3.24
C PHE C 137 19.89 -43.75 -1.85
N ASP C 138 19.11 -44.66 -1.28
CA ASP C 138 18.74 -44.57 0.13
C ASP C 138 19.96 -44.95 0.96
N THR C 139 20.52 -43.98 1.68
CA THR C 139 21.59 -44.24 2.64
C THR C 139 21.08 -44.29 4.08
N GLY C 140 19.85 -44.76 4.27
CA GLY C 140 19.26 -44.79 5.59
C GLY C 140 18.64 -43.46 5.97
N ASP C 141 19.46 -42.57 6.51
CA ASP C 141 18.93 -41.31 7.02
C ASP C 141 18.36 -40.45 5.90
N GLN C 142 19.04 -40.40 4.76
CA GLN C 142 18.71 -39.49 3.68
C GLN C 142 18.88 -40.23 2.36
N TYR C 143 18.67 -39.52 1.27
CA TYR C 143 19.04 -40.03 -0.03
C TYR C 143 20.30 -39.33 -0.51
N GLU C 144 20.93 -39.91 -1.52
CA GLU C 144 21.99 -39.22 -2.22
C GLU C 144 21.66 -39.24 -3.70
N ILE C 145 21.98 -38.15 -4.39
CA ILE C 145 21.63 -37.97 -5.80
C ILE C 145 22.78 -37.34 -6.53
N PRO C 146 22.89 -37.59 -7.83
CA PRO C 146 24.01 -37.04 -8.61
C PRO C 146 23.90 -35.55 -8.79
N ASP C 147 25.06 -34.87 -8.74
CA ASP C 147 25.16 -33.43 -8.94
C ASP C 147 26.30 -33.13 -9.90
N THR C 148 25.97 -32.70 -11.13
CA THR C 148 27.01 -32.45 -12.13
C THR C 148 27.84 -31.21 -11.81
N ALA C 149 27.29 -30.28 -11.02
CA ALA C 149 28.06 -29.09 -10.66
C ALA C 149 29.30 -29.48 -9.88
N SER C 150 29.17 -30.40 -8.92
CA SER C 150 30.29 -30.92 -8.16
C SER C 150 30.95 -32.12 -8.83
N GLY C 151 30.23 -32.80 -9.73
CA GLY C 151 30.68 -34.08 -10.25
C GLY C 151 30.42 -35.24 -9.33
N LYS C 152 30.22 -35.00 -8.04
CA LYS C 152 30.03 -36.00 -7.00
C LYS C 152 28.53 -36.29 -6.79
N TRP C 153 28.20 -36.88 -5.65
CA TRP C 153 26.84 -37.06 -5.20
C TRP C 153 26.60 -36.16 -3.98
N ILE C 154 25.37 -35.67 -3.84
CA ILE C 154 25.03 -34.84 -2.69
C ILE C 154 23.93 -35.51 -1.88
N LYS C 155 23.88 -35.17 -0.58
CA LYS C 155 22.83 -35.66 0.31
C LYS C 155 21.61 -34.73 0.23
N THR C 156 20.43 -35.33 0.37
CA THR C 156 19.17 -34.60 0.37
C THR C 156 18.13 -35.38 1.17
N ASP C 157 17.24 -34.67 1.86
CA ASP C 157 16.14 -35.29 2.60
C ASP C 157 14.82 -34.60 2.25
N PRO C 158 14.10 -35.12 1.27
CA PRO C 158 12.82 -34.48 0.88
C PRO C 158 11.81 -34.41 2.02
N GLU C 159 11.92 -35.32 2.99
CA GLU C 159 10.97 -35.32 4.10
C GLU C 159 11.14 -34.11 4.99
N ILE C 160 12.37 -33.61 5.15
CA ILE C 160 12.59 -32.42 5.96
C ILE C 160 12.00 -31.19 5.26
N HIS C 161 12.15 -31.10 3.93
CA HIS C 161 11.54 -29.98 3.21
C HIS C 161 10.03 -30.03 3.31
N LYS C 162 9.46 -31.24 3.17
CA LYS C 162 8.02 -31.40 3.32
C LYS C 162 7.57 -30.98 4.72
N ASP C 163 8.36 -31.31 5.74
CA ASP C 163 7.96 -31.00 7.11
C ASP C 163 8.01 -29.50 7.37
N LYS C 164 9.04 -28.82 6.86
CA LYS C 164 9.17 -27.40 7.14
C LYS C 164 8.07 -26.61 6.44
N ALA C 165 7.60 -27.10 5.29
CA ALA C 165 6.50 -26.42 4.60
C ALA C 165 5.17 -26.69 5.30
N THR C 166 4.95 -27.93 5.74
CA THR C 166 3.71 -28.20 6.48
C THR C 166 3.67 -27.34 7.72
N ALA C 167 4.81 -27.20 8.42
CA ALA C 167 4.85 -26.37 9.61
C ALA C 167 4.59 -24.90 9.28
N ALA C 168 5.20 -24.40 8.20
CA ALA C 168 4.98 -23.02 7.79
C ALA C 168 3.53 -22.80 7.38
N HIS C 169 2.98 -23.76 6.63
CA HIS C 169 1.58 -23.67 6.22
C HIS C 169 0.65 -23.57 7.43
N GLN C 170 0.80 -24.49 8.39
CA GLN C 170 -0.08 -24.49 9.57
C GLN C 170 0.10 -23.22 10.39
N ALA C 171 1.30 -22.65 10.41
CA ALA C 171 1.53 -21.39 11.12
C ALA C 171 1.03 -20.17 10.35
N TYR C 172 0.60 -20.33 9.10
CA TYR C 172 0.07 -19.21 8.33
C TYR C 172 -1.41 -19.41 8.06
N ALA C 173 -2.10 -20.07 8.98
CA ALA C 173 -3.53 -20.37 8.89
C ALA C 173 -3.86 -21.09 7.58
N ASN C 174 -2.95 -21.96 7.15
CA ASN C 174 -3.09 -22.76 5.92
C ASN C 174 -3.25 -21.89 4.68
N GLU C 175 -2.56 -20.76 4.64
CA GLU C 175 -2.52 -19.96 3.42
C GLU C 175 -1.12 -19.82 2.84
N TRP C 176 -0.11 -20.46 3.44
CA TRP C 176 1.30 -20.24 3.04
C TRP C 176 1.58 -20.85 1.68
N LYS C 177 1.14 -22.08 1.47
CA LYS C 177 1.47 -22.77 0.22
C LYS C 177 0.85 -22.06 -0.97
N GLY C 178 -0.36 -21.54 -0.81
CA GLY C 178 -0.98 -20.81 -1.91
C GLY C 178 -0.25 -19.55 -2.29
N LEU C 179 0.18 -18.77 -1.31
CA LEU C 179 1.01 -17.59 -1.62
C LEU C 179 2.26 -18.01 -2.38
N VAL C 180 2.88 -19.11 -1.98
CA VAL C 180 4.11 -19.55 -2.66
C VAL C 180 3.79 -19.91 -4.12
N ARG C 181 2.70 -20.66 -4.35
CA ARG C 181 2.35 -21.03 -5.71
C ARG C 181 2.08 -19.81 -6.60
N MSE C 182 1.58 -18.73 -6.00
CA MSE C 182 1.26 -17.52 -6.76
C MSE C 182 2.49 -16.79 -7.23
O MSE C 182 2.58 -16.37 -8.38
CB MSE C 182 0.41 -16.58 -5.92
CG MSE C 182 -1.00 -17.09 -5.68
SE MSE C 182 -2.08 -15.90 -4.54
CE MSE C 182 -3.81 -16.86 -4.81
N VAL C 183 3.44 -16.61 -6.30
CA VAL C 183 4.69 -15.95 -6.68
C VAL C 183 5.46 -16.80 -7.68
N LYS C 184 5.44 -18.14 -7.51
CA LYS C 184 6.06 -18.99 -8.52
C LYS C 184 5.38 -18.84 -9.87
N TYR C 185 4.07 -18.59 -9.87
CA TYR C 185 3.38 -18.34 -11.14
C TYR C 185 3.88 -17.07 -11.78
N TRP C 186 4.02 -15.99 -11.00
CA TRP C 186 4.65 -14.78 -11.52
C TRP C 186 6.06 -15.08 -12.05
N ASN C 187 6.81 -15.93 -11.35
CA ASN C 187 8.18 -16.24 -11.73
C ASN C 187 8.25 -16.92 -13.09
N ASN C 188 7.24 -17.72 -13.44
CA ASN C 188 7.20 -18.35 -14.75
C ASN C 188 6.62 -17.47 -15.85
N ASN C 189 6.28 -16.22 -15.55
CA ASN C 189 5.56 -15.42 -16.55
C ASN C 189 6.43 -15.17 -17.77
N PRO C 190 5.99 -15.57 -18.97
CA PRO C 190 6.79 -15.30 -20.19
C PRO C 190 7.13 -13.83 -20.43
N LYS C 191 6.51 -12.89 -19.72
CA LYS C 191 6.81 -11.47 -19.99
C LYS C 191 8.20 -11.11 -19.51
N HIS C 192 8.77 -11.90 -18.61
CA HIS C 192 10.11 -11.66 -18.14
C HIS C 192 11.15 -12.08 -19.15
N GLY C 193 10.74 -12.76 -20.22
CA GLY C 193 11.65 -13.24 -21.24
C GLY C 193 12.05 -14.68 -21.00
N ASP C 194 13.28 -15.01 -21.39
CA ASP C 194 13.74 -16.39 -21.40
C ASP C 194 14.29 -16.83 -20.04
N LEU C 195 14.64 -15.88 -19.17
CA LEU C 195 15.17 -16.16 -17.85
C LEU C 195 14.12 -15.84 -16.79
N LYS C 196 13.78 -16.82 -15.95
CA LYS C 196 12.91 -16.53 -14.81
C LYS C 196 13.61 -15.53 -13.89
N PRO C 197 12.85 -14.69 -13.20
CA PRO C 197 13.48 -13.77 -12.24
C PRO C 197 14.26 -14.47 -11.13
N VAL C 198 13.80 -15.64 -10.66
CA VAL C 198 14.40 -16.30 -9.50
C VAL C 198 14.77 -17.72 -9.90
N LYS C 199 16.05 -18.05 -9.75
CA LYS C 199 16.53 -19.40 -10.02
C LYS C 199 17.21 -19.97 -8.78
N PRO C 200 16.95 -21.24 -8.41
CA PRO C 200 15.88 -22.08 -8.95
C PRO C 200 14.53 -21.68 -8.37
N SER C 201 13.45 -22.23 -8.94
CA SER C 201 12.12 -21.98 -8.42
C SER C 201 12.03 -22.31 -6.93
N PHE C 202 12.65 -23.42 -6.52
CA PHE C 202 12.67 -23.85 -5.12
C PHE C 202 13.10 -22.73 -4.18
N LEU C 203 13.90 -21.78 -4.65
CA LEU C 203 14.36 -20.73 -3.75
C LEU C 203 13.21 -19.86 -3.25
N ILE C 204 12.20 -19.63 -4.09
CA ILE C 204 11.05 -18.85 -3.61
C ILE C 204 10.46 -19.51 -2.36
N GLU C 205 10.26 -20.83 -2.41
CA GLU C 205 9.72 -21.56 -1.27
C GLU C 205 10.67 -21.51 -0.08
N VAL C 206 11.97 -21.72 -0.32
CA VAL C 206 12.94 -21.72 0.78
C VAL C 206 12.92 -20.38 1.49
N MSE C 207 12.96 -19.30 0.72
CA MSE C 207 12.88 -17.96 1.27
C MSE C 207 11.59 -17.73 2.03
O MSE C 207 11.59 -17.09 3.08
CB MSE C 207 13.00 -16.93 0.14
CG MSE C 207 14.38 -16.93 -0.51
SE MSE C 207 14.62 -15.62 -1.91
CE MSE C 207 14.52 -14.04 -0.87
N ALA C 208 10.49 -18.27 1.50
CA ALA C 208 9.18 -18.08 2.11
C ALA C 208 9.11 -18.67 3.51
N LEU C 209 9.96 -19.67 3.81
CA LEU C 209 10.00 -20.19 5.17
C LEU C 209 10.28 -19.09 6.18
N GLU C 210 11.08 -18.09 5.81
CA GLU C 210 11.33 -16.98 6.72
C GLU C 210 10.71 -15.66 6.27
N CYS C 211 10.48 -15.48 4.97
CA CYS C 211 10.02 -14.18 4.49
C CYS C 211 8.53 -13.96 4.75
N LEU C 212 7.74 -15.02 4.83
CA LEU C 212 6.36 -14.94 5.30
C LEU C 212 6.36 -15.28 6.79
N TYR C 213 6.12 -14.28 7.63
CA TYR C 213 6.23 -14.38 9.08
C TYR C 213 4.97 -13.82 9.72
N GLY C 214 4.87 -13.96 11.04
CA GLY C 214 3.63 -13.63 11.70
C GLY C 214 2.58 -14.62 11.23
N GLY C 215 1.31 -14.23 11.38
CA GLY C 215 0.22 -15.02 10.86
C GLY C 215 -0.36 -14.43 9.58
N TRP C 216 -1.44 -15.05 9.13
CA TRP C 216 -2.15 -14.62 7.94
C TRP C 216 -3.04 -13.45 8.31
N GLY C 217 -2.93 -12.35 7.55
CA GLY C 217 -3.70 -11.15 7.82
C GLY C 217 -5.12 -11.17 7.26
N GLY C 218 -5.39 -12.00 6.27
CA GLY C 218 -6.72 -12.10 5.70
C GLY C 218 -6.90 -11.45 4.33
N SER C 219 -5.95 -10.63 3.87
CA SER C 219 -6.07 -9.92 2.57
C SER C 219 -4.96 -10.36 1.62
N PHE C 220 -5.34 -11.13 0.58
CA PHE C 220 -4.37 -11.61 -0.40
C PHE C 220 -3.55 -10.47 -1.02
N ASP C 221 -4.21 -9.36 -1.37
CA ASP C 221 -3.46 -8.36 -2.12
C ASP C 221 -2.37 -7.72 -1.28
N ARG C 222 -2.65 -7.40 -0.01
CA ARG C 222 -1.59 -6.88 0.86
C ARG C 222 -0.56 -7.96 1.19
N GLU C 223 -1.01 -9.19 1.47
CA GLU C 223 -0.06 -10.30 1.68
C GLU C 223 0.90 -10.45 0.51
N ILE C 224 0.38 -10.43 -0.73
CA ILE C 224 1.23 -10.66 -1.89
C ILE C 224 2.22 -9.51 -2.06
N GLN C 225 1.78 -8.28 -1.82
CA GLN C 225 2.67 -7.14 -1.95
C GLN C 225 3.83 -7.20 -0.95
N SER C 226 3.51 -7.40 0.34
CA SER C 226 4.53 -7.55 1.37
C SER C 226 5.48 -8.69 1.04
N PHE C 227 4.95 -9.80 0.53
CA PHE C 227 5.78 -10.94 0.16
C PHE C 227 6.83 -10.52 -0.87
N PHE C 228 6.40 -9.93 -2.00
CA PHE C 228 7.35 -9.45 -3.01
C PHE C 228 8.38 -8.50 -2.40
N ALA C 229 7.94 -7.59 -1.53
CA ALA C 229 8.88 -6.62 -0.96
C ALA C 229 9.95 -7.32 -0.13
N THR C 230 9.54 -8.25 0.73
CA THR C 230 10.50 -8.99 1.55
C THR C 230 11.42 -9.85 0.67
N LEU C 231 10.88 -10.44 -0.40
CA LEU C 231 11.73 -11.22 -1.31
C LEU C 231 12.78 -10.34 -1.99
N ALA C 232 12.41 -9.12 -2.38
CA ALA C 232 13.37 -8.26 -3.04
C ALA C 232 14.46 -7.82 -2.09
N ASP C 233 14.10 -7.63 -0.82
CA ASP C 233 15.08 -7.16 0.15
C ASP C 233 16.07 -8.24 0.56
N ARG C 234 15.70 -9.52 0.45
CA ARG C 234 16.51 -10.59 1.03
C ARG C 234 17.00 -11.61 0.02
N VAL C 235 16.84 -11.35 -1.28
CA VAL C 235 17.28 -12.31 -2.30
C VAL C 235 18.79 -12.39 -2.40
N HIS C 236 19.53 -11.42 -1.85
CA HIS C 236 20.98 -11.52 -1.85
C HIS C 236 21.54 -12.28 -0.64
N ASP C 237 20.72 -12.53 0.38
CA ASP C 237 21.17 -13.23 1.57
C ASP C 237 21.54 -14.67 1.24
N GLU C 238 22.31 -15.30 2.12
CA GLU C 238 22.56 -16.71 1.93
C GLU C 238 21.33 -17.49 2.36
N TRP C 239 20.93 -18.47 1.55
CA TRP C 239 19.79 -19.31 1.86
C TRP C 239 20.26 -20.77 1.87
N PRO C 240 20.62 -21.28 3.04
CA PRO C 240 21.08 -22.67 3.14
C PRO C 240 19.98 -23.65 2.80
N ASP C 241 20.40 -24.88 2.50
CA ASP C 241 19.46 -26.00 2.44
C ASP C 241 18.73 -26.09 3.77
N PRO C 242 17.40 -25.93 3.79
CA PRO C 242 16.68 -26.10 5.05
C PRO C 242 16.98 -27.43 5.74
N ALA C 243 17.29 -28.48 4.97
CA ALA C 243 17.62 -29.78 5.57
C ALA C 243 19.05 -29.87 6.08
N GLY C 244 19.86 -28.83 5.87
CA GLY C 244 21.25 -28.84 6.29
C GLY C 244 22.14 -29.81 5.56
N LEU C 245 21.63 -30.51 4.55
CA LEU C 245 22.39 -31.59 3.93
C LEU C 245 23.23 -31.11 2.75
N GLY C 246 22.63 -30.33 1.84
CA GLY C 246 23.29 -29.97 0.61
C GLY C 246 23.87 -28.56 0.59
N PRO C 247 24.32 -28.12 -0.59
CA PRO C 247 24.82 -26.74 -0.72
C PRO C 247 23.67 -25.73 -0.72
N ALA C 248 24.04 -24.46 -0.52
CA ALA C 248 23.06 -23.39 -0.36
C ALA C 248 22.18 -23.26 -1.60
N ILE C 249 20.90 -22.96 -1.39
CA ILE C 249 19.98 -22.85 -2.52
C ILE C 249 20.23 -21.57 -3.30
N SER C 250 20.72 -20.53 -2.64
CA SER C 250 21.02 -19.27 -3.27
C SER C 250 22.33 -19.26 -4.07
N ASN C 251 22.83 -20.42 -4.50
CA ASN C 251 24.09 -20.49 -5.21
C ASN C 251 23.93 -20.81 -6.70
N ASP C 252 22.71 -21.08 -7.15
CA ASP C 252 22.51 -21.30 -8.58
C ASP C 252 22.57 -20.02 -9.40
N MSE C 253 22.42 -18.84 -8.78
CA MSE C 253 22.42 -17.59 -9.53
C MSE C 253 23.73 -16.86 -9.33
O MSE C 253 24.11 -16.66 -8.18
CB MSE C 253 21.27 -16.66 -9.11
CG MSE C 253 19.84 -17.05 -9.51
SE MSE C 253 18.54 -15.69 -8.99
CE MSE C 253 18.65 -15.85 -7.06
N ASP C 254 24.40 -16.42 -10.40
CA ASP C 254 25.56 -15.57 -10.22
C ASP C 254 25.12 -14.14 -9.84
N ALA C 255 26.10 -13.26 -9.67
CA ALA C 255 25.79 -11.95 -9.11
C ALA C 255 24.86 -11.15 -10.01
N ALA C 256 25.02 -11.27 -11.33
CA ALA C 256 24.18 -10.46 -12.19
C ALA C 256 22.78 -11.03 -12.26
N ARG C 257 22.67 -12.36 -12.30
CA ARG C 257 21.34 -12.98 -12.24
C ARG C 257 20.64 -12.60 -10.95
N LYS C 258 21.38 -12.45 -9.84
CA LYS C 258 20.75 -12.12 -8.55
C LYS C 258 20.33 -10.66 -8.46
N GLN C 259 21.07 -9.75 -9.09
CA GLN C 259 20.65 -8.36 -9.10
C GLN C 259 19.42 -8.16 -9.98
N ARG C 260 19.33 -8.91 -11.07
CA ARG C 260 18.12 -8.86 -11.88
C ARG C 260 16.94 -9.38 -11.08
N ALA C 261 17.15 -10.47 -10.32
CA ALA C 261 16.12 -10.98 -9.42
C ALA C 261 15.61 -9.88 -8.50
N GLN C 262 16.52 -9.22 -7.79
CA GLN C 262 16.11 -8.17 -6.88
C GLN C 262 15.32 -7.10 -7.60
N GLN C 263 15.70 -6.81 -8.84
CA GLN C 263 15.04 -5.72 -9.57
C GLN C 263 13.62 -6.13 -9.95
N LEU C 264 13.46 -7.32 -10.54
CA LEU C 264 12.14 -7.76 -10.97
C LEU C 264 11.24 -8.03 -9.77
N LEU C 265 11.79 -8.48 -8.64
CA LEU C 265 10.98 -8.63 -7.44
C LEU C 265 10.52 -7.26 -6.92
N PHE C 266 11.41 -6.27 -6.95
CA PHE C 266 11.04 -4.94 -6.50
C PHE C 266 9.97 -4.34 -7.40
N GLN C 267 10.09 -4.57 -8.71
CA GLN C 267 9.09 -4.07 -9.65
C GLN C 267 7.73 -4.73 -9.39
N ALA C 268 7.72 -6.02 -9.05
CA ALA C 268 6.46 -6.69 -8.74
C ALA C 268 5.80 -6.09 -7.51
N SER C 269 6.61 -5.70 -6.51
CA SER C 269 6.01 -5.10 -5.31
C SER C 269 5.38 -3.75 -5.62
N GLN C 270 6.02 -2.95 -6.48
CA GLN C 270 5.44 -1.68 -6.91
C GLN C 270 4.17 -1.89 -7.74
N ASP C 271 4.19 -2.86 -8.66
CA ASP C 271 2.99 -3.18 -9.42
C ASP C 271 1.87 -3.60 -8.49
N ALA C 272 2.19 -4.37 -7.45
CA ALA C 272 1.20 -4.82 -6.48
C ALA C 272 0.68 -3.66 -5.63
N SER C 273 1.55 -2.70 -5.28
CA SER C 273 1.08 -1.52 -4.55
C SER C 273 0.08 -0.71 -5.39
N ILE C 274 0.35 -0.55 -6.68
CA ILE C 274 -0.59 0.13 -7.57
C ILE C 274 -1.95 -0.59 -7.55
N ALA C 275 -1.94 -1.92 -7.62
CA ALA C 275 -3.18 -2.69 -7.58
C ALA C 275 -3.91 -2.52 -6.25
N ILE C 276 -3.18 -2.39 -5.14
CA ILE C 276 -3.84 -2.19 -3.86
C ILE C 276 -4.45 -0.80 -3.83
N ASP C 277 -3.75 0.18 -4.36
CA ASP C 277 -4.25 1.56 -4.35
C ASP C 277 -5.56 1.67 -5.14
N HIS C 278 -5.60 1.08 -6.34
CA HIS C 278 -6.86 1.01 -7.08
C HIS C 278 -7.97 0.45 -6.20
N ALA C 279 -7.71 -0.70 -5.57
CA ALA C 279 -8.76 -1.36 -4.78
C ALA C 279 -9.15 -0.50 -3.59
N ARG C 280 -8.16 0.13 -2.92
CA ARG C 280 -8.47 0.94 -1.75
C ARG C 280 -9.42 2.09 -2.10
N ARG C 281 -9.43 2.53 -3.36
CA ARG C 281 -10.22 3.68 -3.78
C ARG C 281 -11.41 3.29 -4.63
N GLY C 282 -11.78 2.02 -4.64
CA GLY C 282 -12.97 1.58 -5.33
C GLY C 282 -12.79 1.25 -6.79
N ARG C 283 -11.59 1.44 -7.35
CA ARG C 283 -11.33 1.10 -8.76
C ARG C 283 -11.02 -0.40 -8.87
N ASN C 284 -12.06 -1.23 -8.66
CA ASN C 284 -11.84 -2.66 -8.51
C ASN C 284 -11.47 -3.33 -9.83
N ILE C 285 -12.11 -2.92 -10.93
CA ILE C 285 -11.74 -3.48 -12.23
C ILE C 285 -10.32 -3.07 -12.59
N GLU C 286 -9.93 -1.84 -12.25
CA GLU C 286 -8.54 -1.42 -12.45
C GLU C 286 -7.59 -2.25 -11.59
N ALA C 287 -7.97 -2.51 -10.34
CA ALA C 287 -7.14 -3.37 -9.49
C ALA C 287 -6.97 -4.75 -10.11
N LEU C 288 -8.06 -5.35 -10.60
CA LEU C 288 -7.97 -6.67 -11.21
C LEU C 288 -7.09 -6.66 -12.46
N ARG C 289 -7.25 -5.64 -13.30
CA ARG C 289 -6.41 -5.55 -14.50
C ARG C 289 -4.93 -5.44 -14.14
N ALA C 290 -4.61 -4.67 -13.10
CA ALA C 290 -3.23 -4.58 -12.64
C ALA C 290 -2.73 -5.94 -12.15
N TRP C 291 -3.55 -6.68 -11.41
CA TRP C 291 -3.14 -8.00 -10.94
C TRP C 291 -2.93 -8.96 -12.11
N ARG C 292 -3.77 -8.86 -13.15
CA ARG C 292 -3.62 -9.69 -14.33
C ARG C 292 -2.33 -9.36 -15.09
N ALA C 293 -1.99 -8.06 -15.20
CA ALA C 293 -0.71 -7.71 -15.81
C ALA C 293 0.45 -8.31 -15.04
N LEU C 294 0.39 -8.30 -13.71
CA LEU C 294 1.45 -8.85 -12.87
C LEU C 294 1.56 -10.36 -13.07
N PHE C 295 0.46 -11.09 -12.84
CA PHE C 295 0.51 -12.55 -12.76
C PHE C 295 0.46 -13.25 -14.10
N GLY C 296 -0.40 -12.77 -15.01
CA GLY C 296 -0.69 -13.51 -16.22
C GLY C 296 -2.10 -14.10 -16.23
N PRO C 297 -2.35 -14.98 -17.20
CA PRO C 297 -3.75 -15.32 -17.56
C PRO C 297 -4.53 -16.05 -16.49
N LYS C 298 -3.89 -16.91 -15.69
CA LYS C 298 -4.64 -17.61 -14.66
C LYS C 298 -5.31 -16.66 -13.68
N PHE C 299 -4.84 -15.42 -13.56
CA PHE C 299 -5.49 -14.51 -12.63
C PHE C 299 -6.79 -14.01 -13.24
N PRO C 300 -7.93 -14.21 -12.60
CA PRO C 300 -9.21 -13.98 -13.27
C PRO C 300 -9.65 -12.52 -13.25
N LEU C 301 -10.21 -12.08 -14.37
CA LEU C 301 -10.90 -10.79 -14.40
C LEU C 301 -12.40 -10.93 -14.12
N SER C 302 -12.95 -12.14 -14.13
CA SER C 302 -14.39 -12.33 -13.94
C SER C 302 -14.71 -13.72 -13.41
N ASN D 2 -17.20 -38.98 19.06
CA ASN D 2 -15.75 -39.07 19.01
C ASN D 2 -15.10 -37.96 19.85
N ALA D 3 -13.85 -38.20 20.28
CA ALA D 3 -13.16 -37.26 21.16
C ALA D 3 -12.97 -35.90 20.49
N LEU D 4 -12.95 -34.86 21.32
CA LEU D 4 -12.98 -33.47 20.89
C LEU D 4 -11.55 -32.95 20.79
N SER D 5 -11.14 -32.51 19.61
CA SER D 5 -9.83 -31.90 19.44
C SER D 5 -9.79 -30.51 20.07
N ILE D 6 -8.58 -30.00 20.31
CA ILE D 6 -8.43 -28.67 20.88
C ILE D 6 -9.05 -27.63 19.96
N ASP D 7 -8.78 -27.74 18.65
CA ASP D 7 -9.39 -26.82 17.70
C ASP D 7 -10.91 -26.96 17.66
N GLU D 8 -11.44 -28.17 17.86
CA GLU D 8 -12.89 -28.28 17.85
C GLU D 8 -13.51 -27.68 19.10
N ALA D 9 -12.88 -27.90 20.25
CA ALA D 9 -13.38 -27.26 21.47
C ALA D 9 -13.35 -25.75 21.34
N PHE D 10 -12.28 -25.18 20.76
CA PHE D 10 -12.20 -23.73 20.67
C PHE D 10 -13.19 -23.16 19.64
N ARG D 11 -13.39 -23.86 18.51
CA ARG D 11 -14.42 -23.42 17.57
C ARG D 11 -15.80 -23.47 18.21
N LYS D 12 -16.06 -24.47 19.03
CA LYS D 12 -17.36 -24.55 19.70
C LYS D 12 -17.49 -23.48 20.80
N PHE D 13 -16.41 -23.27 21.57
CA PHE D 13 -16.37 -22.13 22.49
C PHE D 13 -16.66 -20.83 21.75
N LYS D 14 -16.01 -20.63 20.60
CA LYS D 14 -16.21 -19.41 19.84
C LYS D 14 -17.68 -19.24 19.44
N SER D 15 -18.30 -20.33 18.98
CA SER D 15 -19.69 -20.25 18.54
C SER D 15 -20.63 -19.95 19.72
N ARG D 16 -20.34 -20.51 20.89
CA ARG D 16 -21.18 -20.20 22.05
C ARG D 16 -21.05 -18.74 22.48
N LEU D 17 -19.94 -18.09 22.17
CA LEU D 17 -19.83 -16.68 22.53
C LEU D 17 -20.30 -15.77 21.40
N GLU D 18 -20.78 -16.31 20.30
CA GLU D 18 -21.32 -15.50 19.22
C GLU D 18 -22.78 -15.17 19.46
N LEU D 19 -23.18 -13.99 19.02
CA LEU D 19 -24.60 -13.61 19.04
C LEU D 19 -25.41 -14.56 18.17
N ASN D 20 -26.53 -15.04 18.67
CA ASN D 20 -27.45 -15.80 17.84
C ASN D 20 -28.69 -14.97 17.53
N GLU D 21 -29.59 -15.56 16.76
CA GLU D 21 -30.73 -14.81 16.25
C GLU D 21 -31.66 -14.39 17.37
N ARG D 22 -31.99 -15.33 18.26
CA ARG D 22 -32.90 -15.03 19.37
C ARG D 22 -32.32 -13.97 20.30
N GLU D 23 -31.01 -14.04 20.59
CA GLU D 23 -30.39 -13.00 21.40
C GLU D 23 -30.51 -11.65 20.73
N GLN D 24 -30.27 -11.60 19.43
CA GLN D 24 -30.34 -10.34 18.71
C GLN D 24 -31.74 -9.76 18.76
N LYS D 25 -32.76 -10.60 18.53
CA LYS D 25 -34.14 -10.14 18.62
C LYS D 25 -34.49 -9.71 20.04
N ASN D 26 -33.96 -10.39 21.06
CA ASN D 26 -34.27 -9.95 22.42
C ASN D 26 -33.70 -8.58 22.70
N ALA D 27 -32.47 -8.31 22.25
CA ALA D 27 -31.89 -6.98 22.42
C ALA D 27 -32.76 -5.93 21.75
N SER D 28 -33.25 -6.20 20.53
CA SER D 28 -34.05 -5.23 19.80
C SER D 28 -35.39 -4.99 20.47
N GLN D 29 -35.99 -6.07 21.00
CA GLN D 29 -37.22 -5.94 21.77
C GLN D 29 -37.02 -5.04 22.99
N ARG D 30 -35.97 -5.28 23.76
CA ARG D 30 -35.75 -4.44 24.94
C ARG D 30 -35.48 -3.00 24.54
N GLN D 31 -34.71 -2.77 23.46
CA GLN D 31 -34.55 -1.39 22.98
C GLN D 31 -35.89 -0.76 22.65
N ASN D 32 -36.75 -1.51 21.94
CA ASN D 32 -38.07 -0.98 21.61
C ASN D 32 -38.87 -0.68 22.86
N GLU D 33 -38.79 -1.56 23.85
CA GLU D 33 -39.54 -1.38 25.09
C GLU D 33 -39.08 -0.13 25.81
N VAL D 34 -37.78 0.03 25.98
CA VAL D 34 -37.31 1.17 26.79
C VAL D 34 -37.47 2.47 26.00
N ARG D 35 -37.26 2.44 24.68
CA ARG D 35 -37.48 3.66 23.90
C ARG D 35 -38.95 4.07 23.91
N ASP D 36 -39.86 3.10 23.70
CA ASP D 36 -41.28 3.43 23.70
C ASP D 36 -41.70 4.08 25.00
N TYR D 37 -41.21 3.57 26.13
CA TYR D 37 -41.54 4.18 27.41
C TYR D 37 -40.89 5.55 27.55
N LEU D 38 -39.57 5.64 27.30
CA LEU D 38 -38.88 6.91 27.46
C LEU D 38 -39.48 8.01 26.58
N GLN D 39 -40.07 7.64 25.44
CA GLN D 39 -40.67 8.66 24.57
C GLN D 39 -41.96 9.23 25.14
N THR D 40 -42.62 8.52 26.07
CA THR D 40 -43.76 9.10 26.76
C THR D 40 -43.33 10.13 27.80
N LYS D 41 -42.03 10.19 28.12
CA LYS D 41 -41.51 11.05 29.18
C LYS D 41 -40.56 12.12 28.66
N PHE D 42 -39.90 11.90 27.52
CA PHE D 42 -38.99 12.87 26.95
C PHE D 42 -39.17 12.93 25.45
N GLY D 43 -38.79 14.06 24.85
CA GLY D 43 -38.69 14.16 23.40
C GLY D 43 -37.46 13.41 22.93
N ILE D 44 -37.64 12.21 22.38
CA ILE D 44 -36.52 11.41 21.93
C ILE D 44 -36.64 11.20 20.44
N ALA D 45 -35.62 11.60 19.70
CA ALA D 45 -35.67 11.55 18.24
C ALA D 45 -35.44 10.14 17.73
N ARG D 46 -34.56 9.38 18.39
CA ARG D 46 -34.21 8.04 17.94
C ARG D 46 -33.33 7.39 19.00
N SER D 47 -33.17 6.08 18.89
CA SER D 47 -32.22 5.36 19.72
C SER D 47 -31.42 4.41 18.86
N PHE D 48 -30.24 4.03 19.35
CA PHE D 48 -29.50 2.98 18.67
C PHE D 48 -28.68 2.20 19.70
N LEU D 49 -28.51 0.91 19.42
CA LEU D 49 -27.58 0.08 20.17
C LEU D 49 -26.15 0.49 19.87
N THR D 50 -25.31 0.53 20.90
CA THR D 50 -23.92 0.90 20.66
C THR D 50 -23.02 0.17 21.67
N GLY D 51 -21.82 0.70 21.92
CA GLY D 51 -20.88 0.00 22.80
C GLY D 51 -20.40 -1.33 22.21
N SER D 52 -19.86 -2.16 23.11
CA SER D 52 -19.27 -3.43 22.64
C SER D 52 -20.33 -4.34 22.04
N TYR D 53 -21.60 -4.20 22.43
CA TYR D 53 -22.61 -5.02 21.80
C TYR D 53 -22.65 -4.75 20.30
N ALA D 54 -22.60 -3.48 19.91
CA ALA D 54 -22.70 -3.15 18.49
C ALA D 54 -21.41 -3.45 17.74
N ARG D 55 -20.27 -3.58 18.43
CA ARG D 55 -19.03 -3.95 17.75
C ARG D 55 -18.80 -5.44 17.76
N TYR D 56 -19.73 -6.21 18.32
CA TYR D 56 -19.63 -7.66 18.45
C TYR D 56 -18.40 -8.07 19.28
N THR D 57 -18.04 -7.24 20.25
CA THR D 57 -16.97 -7.56 21.19
C THR D 57 -17.49 -7.79 22.60
N LYS D 58 -18.82 -7.89 22.78
CA LYS D 58 -19.41 -8.17 24.08
C LYS D 58 -19.45 -9.68 24.29
N THR D 59 -19.18 -10.12 25.51
CA THR D 59 -19.15 -11.54 25.80
C THR D 59 -20.49 -11.95 26.44
N LYS D 60 -20.62 -13.23 26.73
CA LYS D 60 -21.78 -13.91 27.30
C LYS D 60 -21.67 -14.00 28.81
N PRO D 61 -22.77 -13.82 29.57
CA PRO D 61 -24.10 -13.38 29.13
C PRO D 61 -24.10 -11.91 28.79
N LEU D 62 -25.01 -11.50 27.91
CA LEU D 62 -25.02 -10.13 27.40
C LEU D 62 -25.61 -9.19 28.46
N LYS D 63 -24.75 -8.41 29.11
CA LYS D 63 -25.22 -7.43 30.07
C LYS D 63 -24.72 -6.03 29.74
N ASP D 64 -25.44 -5.02 30.25
CA ASP D 64 -25.03 -3.61 30.20
C ASP D 64 -25.02 -3.08 28.78
N ILE D 65 -25.90 -3.60 27.93
CA ILE D 65 -25.94 -3.20 26.54
C ILE D 65 -26.26 -1.70 26.45
N ASP D 66 -25.38 -0.95 25.79
CA ASP D 66 -25.55 0.50 25.69
C ASP D 66 -26.59 0.85 24.63
N ILE D 67 -27.50 1.74 24.98
CA ILE D 67 -28.46 2.30 24.04
C ILE D 67 -28.38 3.81 24.19
N PHE D 68 -28.05 4.50 23.10
CA PHE D 68 -28.10 5.95 23.08
C PHE D 68 -29.53 6.39 22.81
N PHE D 69 -30.03 7.30 23.63
CA PHE D 69 -31.34 7.90 23.39
C PHE D 69 -31.07 9.33 22.97
N VAL D 70 -31.14 9.56 21.66
CA VAL D 70 -30.83 10.84 21.05
C VAL D 70 -32.01 11.78 21.31
N LEU D 71 -31.77 12.85 22.07
CA LEU D 71 -32.82 13.78 22.46
C LEU D 71 -33.18 14.75 21.33
N LYS D 72 -34.47 15.07 21.24
CA LYS D 72 -34.93 16.08 20.29
C LYS D 72 -34.39 17.46 20.64
N ASP D 73 -34.27 18.30 19.61
CA ASP D 73 -33.88 19.69 19.81
C ASP D 73 -34.75 20.38 20.86
N SER D 74 -36.01 19.96 20.99
CA SER D 74 -36.88 20.53 22.01
C SER D 74 -36.48 20.13 23.42
N GLU D 75 -35.48 19.26 23.58
CA GLU D 75 -34.93 18.93 24.89
C GLU D 75 -33.60 19.63 25.13
N LYS D 76 -33.32 20.67 24.35
CA LYS D 76 -32.01 21.30 24.38
C LYS D 76 -31.68 21.90 25.74
N HIS D 77 -32.68 22.31 26.51
CA HIS D 77 -32.41 22.89 27.83
C HIS D 77 -31.50 21.99 28.66
N TYR D 78 -31.69 20.67 28.57
CA TYR D 78 -30.84 19.73 29.29
C TYR D 78 -29.36 19.93 28.98
N HIS D 79 -29.03 20.31 27.73
CA HIS D 79 -27.63 20.44 27.33
C HIS D 79 -26.95 21.59 28.07
N GLY D 80 -27.71 22.63 28.44
CA GLY D 80 -27.15 23.73 29.21
C GLY D 80 -26.99 23.42 30.69
N LYS D 81 -27.69 22.41 31.21
CA LYS D 81 -27.71 22.10 32.62
C LYS D 81 -26.62 21.08 32.97
N ALA D 82 -26.38 20.92 34.27
CA ALA D 82 -25.36 20.00 34.73
C ALA D 82 -25.76 18.55 34.45
N ALA D 83 -24.75 17.69 34.35
CA ALA D 83 -24.96 16.32 33.90
C ALA D 83 -25.99 15.58 34.75
N SER D 84 -26.05 15.89 36.05
CA SER D 84 -26.95 15.16 36.94
C SER D 84 -28.43 15.45 36.67
N VAL D 85 -28.74 16.57 36.01
CA VAL D 85 -30.15 16.92 35.84
C VAL D 85 -30.84 15.97 34.89
N VAL D 86 -30.16 15.61 33.79
CA VAL D 86 -30.74 14.67 32.83
C VAL D 86 -30.75 13.26 33.38
N LEU D 87 -29.64 12.83 33.99
CA LEU D 87 -29.57 11.48 34.52
C LEU D 87 -30.60 11.27 35.63
N ASP D 88 -30.77 12.25 36.52
CA ASP D 88 -31.78 12.12 37.58
C ASP D 88 -33.18 12.01 36.99
N ASP D 89 -33.47 12.78 35.93
CA ASP D 89 -34.78 12.69 35.30
C ASP D 89 -34.99 11.34 34.63
N PHE D 90 -33.96 10.82 33.95
CA PHE D 90 -34.06 9.48 33.37
C PHE D 90 -34.20 8.43 34.47
N HIS D 91 -33.31 8.49 35.49
CA HIS D 91 -33.46 7.61 36.64
C HIS D 91 -34.89 7.64 37.18
N SER D 92 -35.41 8.83 37.43
CA SER D 92 -36.76 8.95 37.98
C SER D 92 -37.80 8.33 37.07
N ALA D 93 -37.69 8.58 35.76
CA ALA D 93 -38.68 8.05 34.83
C ALA D 93 -38.65 6.52 34.79
N LEU D 94 -37.46 5.93 34.83
CA LEU D 94 -37.31 4.48 34.73
C LEU D 94 -37.68 3.78 36.03
N VAL D 95 -37.39 4.40 37.18
CA VAL D 95 -37.87 3.85 38.45
C VAL D 95 -39.39 3.74 38.44
N GLU D 96 -40.07 4.76 37.90
CA GLU D 96 -41.53 4.73 37.85
C GLU D 96 -42.04 3.43 37.25
N LYS D 97 -41.37 2.93 36.21
CA LYS D 97 -41.82 1.74 35.51
C LYS D 97 -41.19 0.45 36.04
N TYR D 98 -39.88 0.46 36.29
CA TYR D 98 -39.16 -0.76 36.67
C TYR D 98 -38.92 -0.88 38.17
N GLY D 99 -39.22 0.15 38.94
CA GLY D 99 -38.97 0.11 40.36
C GLY D 99 -37.50 0.31 40.70
N SER D 100 -37.27 0.76 41.94
CA SER D 100 -35.91 1.14 42.34
C SER D 100 -34.96 -0.05 42.42
N ALA D 101 -35.47 -1.27 42.60
CA ALA D 101 -34.56 -2.41 42.71
C ALA D 101 -33.95 -2.81 41.37
N ALA D 102 -34.63 -2.53 40.26
CA ALA D 102 -34.14 -2.91 38.92
C ALA D 102 -33.34 -1.81 38.23
N VAL D 103 -33.26 -0.62 38.80
CA VAL D 103 -32.72 0.57 38.14
C VAL D 103 -31.56 1.13 38.97
N ARG D 104 -30.40 1.34 38.34
CA ARG D 104 -29.25 1.92 39.02
C ARG D 104 -28.68 3.12 38.27
N LYS D 105 -28.51 4.23 38.98
CA LYS D 105 -27.87 5.42 38.42
C LYS D 105 -26.36 5.19 38.30
N GLN D 106 -25.82 5.45 37.11
CA GLN D 106 -24.39 5.31 36.87
C GLN D 106 -23.84 6.65 36.35
N ALA D 107 -22.54 6.65 36.05
CA ALA D 107 -21.86 7.92 35.77
C ALA D 107 -22.43 8.61 34.52
N ARG D 108 -22.65 7.86 33.43
CA ARG D 108 -23.10 8.44 32.17
C ARG D 108 -24.40 7.82 31.65
N SER D 109 -25.09 7.04 32.45
CA SER D 109 -26.19 6.22 32.00
C SER D 109 -26.94 5.70 33.22
N ILE D 110 -28.13 5.17 32.97
CA ILE D 110 -28.91 4.49 33.98
C ILE D 110 -29.10 3.04 33.53
N ASN D 111 -28.67 2.11 34.38
CA ASN D 111 -28.77 0.69 34.09
C ASN D 111 -30.18 0.21 34.42
N VAL D 112 -30.78 -0.55 33.50
CA VAL D 112 -32.06 -1.20 33.74
C VAL D 112 -31.83 -2.70 33.70
N ASP D 113 -32.13 -3.39 34.81
CA ASP D 113 -32.00 -4.84 34.89
C ASP D 113 -33.37 -5.49 34.66
N PHE D 114 -33.41 -6.51 33.80
CA PHE D 114 -34.69 -7.14 33.45
C PHE D 114 -34.99 -8.40 34.25
N GLY D 115 -34.22 -8.67 35.30
CA GLY D 115 -34.43 -9.84 36.15
C GLY D 115 -34.40 -11.18 35.44
N VAL D 116 -33.42 -11.41 34.57
CA VAL D 116 -33.31 -12.69 33.92
C VAL D 116 -32.39 -13.59 34.74
N HIS D 117 -32.73 -14.88 34.77
CA HIS D 117 -31.94 -15.88 35.46
C HIS D 117 -30.71 -16.22 34.63
N ILE D 118 -29.55 -16.27 35.29
CA ILE D 118 -28.31 -16.71 34.67
C ILE D 118 -27.94 -18.04 35.31
N ASP D 119 -27.86 -19.10 34.51
CA ASP D 119 -27.66 -20.41 35.11
C ASP D 119 -26.17 -20.68 35.31
N ALA D 120 -25.88 -21.87 35.82
CA ALA D 120 -24.52 -22.24 36.22
C ALA D 120 -23.55 -22.19 35.07
N GLU D 121 -24.02 -22.37 33.84
CA GLU D 121 -23.15 -22.30 32.67
C GLU D 121 -23.38 -21.03 31.85
N ASP D 122 -23.86 -19.97 32.50
CA ASP D 122 -23.94 -18.64 31.91
C ASP D 122 -25.00 -18.53 30.81
N ASN D 123 -25.97 -19.43 30.78
CA ASN D 123 -27.08 -19.35 29.84
C ASN D 123 -28.24 -18.56 30.45
N THR D 124 -28.97 -17.87 29.58
CA THR D 124 -30.09 -17.02 30.00
C THR D 124 -31.34 -17.27 29.17
N ASP D 125 -31.44 -18.44 28.53
CA ASP D 125 -32.49 -18.69 27.54
C ASP D 125 -32.55 -17.57 26.50
N TYR D 126 -31.37 -17.13 26.05
CA TYR D 126 -31.21 -16.15 24.97
C TYR D 126 -31.76 -14.77 25.31
N ARG D 127 -31.67 -14.37 26.56
CA ARG D 127 -32.17 -13.07 26.98
C ARG D 127 -31.03 -12.14 27.40
N VAL D 128 -31.15 -10.86 27.04
CA VAL D 128 -30.19 -9.89 27.52
C VAL D 128 -30.52 -9.59 28.98
N VAL D 129 -29.48 -9.36 29.76
CA VAL D 129 -29.62 -9.26 31.21
C VAL D 129 -30.02 -7.85 31.62
N SER D 130 -29.49 -6.84 30.93
CA SER D 130 -29.71 -5.45 31.31
C SER D 130 -29.20 -4.54 30.20
N VAL D 131 -29.64 -3.28 30.23
CA VAL D 131 -29.21 -2.27 29.29
C VAL D 131 -28.80 -1.00 30.03
N ASP D 132 -27.89 -0.23 29.42
CA ASP D 132 -27.53 1.10 29.89
C ASP D 132 -28.20 2.13 29.00
N ALA D 133 -29.12 2.90 29.59
CA ALA D 133 -29.81 3.98 28.89
C ALA D 133 -28.94 5.24 28.95
N VAL D 134 -28.51 5.74 27.80
CA VAL D 134 -27.57 6.85 27.74
C VAL D 134 -28.30 8.04 27.09
N PRO D 135 -28.54 9.12 27.83
CA PRO D 135 -29.10 10.32 27.17
C PRO D 135 -28.04 10.99 26.30
N ALA D 136 -28.46 11.43 25.11
CA ALA D 136 -27.48 11.90 24.14
C ALA D 136 -28.04 13.02 23.27
N PHE D 137 -27.16 13.95 22.92
CA PHE D 137 -27.41 14.95 21.88
C PHE D 137 -26.50 14.66 20.69
N ASP D 138 -27.11 14.58 19.51
CA ASP D 138 -26.37 14.53 18.25
C ASP D 138 -25.91 15.94 17.92
N THR D 139 -24.61 16.18 17.98
CA THR D 139 -24.03 17.46 17.60
C THR D 139 -23.52 17.47 16.17
N GLY D 140 -23.87 16.47 15.36
CA GLY D 140 -23.51 16.47 13.96
C GLY D 140 -22.46 15.44 13.62
N ASP D 141 -21.21 15.74 13.98
CA ASP D 141 -20.09 14.83 13.76
C ASP D 141 -19.92 13.82 14.89
N GLN D 142 -20.55 14.04 16.04
CA GLN D 142 -20.42 13.12 17.15
C GLN D 142 -21.57 13.35 18.12
N TYR D 143 -21.48 12.75 19.30
CA TYR D 143 -22.51 12.86 20.32
C TYR D 143 -21.93 13.48 21.57
N GLU D 144 -22.81 14.09 22.35
CA GLU D 144 -22.46 14.47 23.70
C GLU D 144 -23.39 13.76 24.67
N ILE D 145 -22.81 13.34 25.79
CA ILE D 145 -23.53 12.57 26.83
C ILE D 145 -23.15 13.11 28.18
N PRO D 146 -24.05 12.97 29.17
CA PRO D 146 -23.75 13.49 30.51
C PRO D 146 -22.66 12.65 31.19
N ASP D 147 -21.90 13.31 32.05
CA ASP D 147 -20.87 12.64 32.84
C ASP D 147 -20.91 13.25 34.24
N THR D 148 -21.33 12.46 35.23
CA THR D 148 -21.46 12.98 36.59
C THR D 148 -20.11 13.26 37.23
N ALA D 149 -19.07 12.54 36.82
CA ALA D 149 -17.74 12.82 37.34
C ALA D 149 -17.32 14.25 37.02
N SER D 150 -17.33 14.61 35.73
CA SER D 150 -17.05 15.98 35.29
C SER D 150 -18.17 16.94 35.66
N GLY D 151 -19.38 16.44 35.89
CA GLY D 151 -20.53 17.31 36.02
C GLY D 151 -21.02 17.89 34.71
N LYS D 152 -20.28 17.75 33.62
CA LYS D 152 -20.64 18.36 32.35
C LYS D 152 -20.96 17.30 31.30
N TRP D 153 -21.38 17.77 30.13
CA TRP D 153 -21.53 16.90 28.97
C TRP D 153 -20.18 16.73 28.28
N ILE D 154 -19.95 15.52 27.76
CA ILE D 154 -18.66 15.17 27.20
C ILE D 154 -18.89 14.61 25.81
N LYS D 155 -17.90 14.81 24.93
CA LYS D 155 -17.99 14.29 23.57
C LYS D 155 -17.70 12.80 23.54
N THR D 156 -18.36 12.10 22.61
CA THR D 156 -18.06 10.70 22.34
C THR D 156 -18.39 10.41 20.88
N ASP D 157 -17.71 9.41 20.32
CA ASP D 157 -17.83 9.09 18.91
C ASP D 157 -17.80 7.58 18.78
N PRO D 158 -18.96 6.92 18.90
CA PRO D 158 -18.98 5.45 18.83
C PRO D 158 -18.48 4.91 17.51
N GLU D 159 -18.65 5.67 16.44
CA GLU D 159 -18.21 5.24 15.13
C GLU D 159 -16.71 4.96 15.09
N ILE D 160 -15.92 5.80 15.78
CA ILE D 160 -14.47 5.64 15.74
C ILE D 160 -14.06 4.28 16.32
N HIS D 161 -14.64 3.91 17.47
CA HIS D 161 -14.34 2.63 18.10
C HIS D 161 -14.79 1.46 17.23
N LYS D 162 -15.96 1.59 16.61
CA LYS D 162 -16.43 0.52 15.74
C LYS D 162 -15.54 0.38 14.52
N ASP D 163 -15.05 1.51 13.98
CA ASP D 163 -14.15 1.44 12.84
C ASP D 163 -12.81 0.82 13.22
N LYS D 164 -12.29 1.17 14.40
CA LYS D 164 -11.02 0.58 14.81
C LYS D 164 -11.18 -0.92 15.07
N ALA D 165 -12.28 -1.34 15.68
CA ALA D 165 -12.47 -2.77 15.91
C ALA D 165 -12.65 -3.53 14.60
N THR D 166 -13.37 -2.94 13.63
CA THR D 166 -13.52 -3.64 12.36
C THR D 166 -12.20 -3.71 11.60
N ALA D 167 -11.40 -2.63 11.63
CA ALA D 167 -10.08 -2.66 10.99
C ALA D 167 -9.17 -3.71 11.65
N ALA D 168 -9.14 -3.74 12.99
CA ALA D 168 -8.37 -4.76 13.69
C ALA D 168 -8.87 -6.16 13.34
N HIS D 169 -10.19 -6.34 13.24
CA HIS D 169 -10.77 -7.66 12.93
C HIS D 169 -10.36 -8.12 11.53
N GLN D 170 -10.47 -7.21 10.55
CA GLN D 170 -10.11 -7.57 9.17
C GLN D 170 -8.62 -7.87 9.04
N ALA D 171 -7.77 -7.16 9.78
CA ALA D 171 -6.33 -7.41 9.75
C ALA D 171 -5.92 -8.65 10.54
N TYR D 172 -6.86 -9.40 11.12
CA TYR D 172 -6.56 -10.63 11.83
C TYR D 172 -7.40 -11.78 11.28
N ALA D 173 -7.64 -11.79 9.97
CA ALA D 173 -8.41 -12.86 9.34
C ALA D 173 -9.77 -13.07 10.01
N ASN D 174 -10.37 -11.98 10.51
CA ASN D 174 -11.70 -12.04 11.13
C ASN D 174 -11.73 -13.01 12.33
N GLU D 175 -10.63 -13.07 13.09
CA GLU D 175 -10.61 -13.80 14.35
C GLU D 175 -10.32 -12.91 15.56
N TRP D 176 -10.15 -11.60 15.38
CA TRP D 176 -9.81 -10.69 16.47
C TRP D 176 -10.93 -10.61 17.50
N LYS D 177 -12.14 -10.25 17.04
CA LYS D 177 -13.25 -10.01 17.97
C LYS D 177 -13.57 -11.25 18.79
N GLY D 178 -13.41 -12.44 18.20
CA GLY D 178 -13.61 -13.67 18.96
C GLY D 178 -12.61 -13.84 20.10
N LEU D 179 -11.34 -13.54 19.82
CA LEU D 179 -10.33 -13.64 20.87
C LEU D 179 -10.62 -12.66 22.00
N VAL D 180 -11.09 -11.47 21.64
CA VAL D 180 -11.45 -10.47 22.66
C VAL D 180 -12.57 -11.00 23.55
N ARG D 181 -13.61 -11.57 22.93
CA ARG D 181 -14.76 -12.10 23.68
C ARG D 181 -14.33 -13.23 24.62
N MSE D 182 -13.38 -14.04 24.19
CA MSE D 182 -12.89 -15.14 25.02
C MSE D 182 -12.13 -14.64 26.23
O MSE D 182 -12.31 -15.18 27.32
CB MSE D 182 -11.97 -16.08 24.23
CG MSE D 182 -12.66 -16.92 23.18
SE MSE D 182 -11.40 -18.05 22.23
CE MSE D 182 -12.65 -19.08 21.18
N VAL D 183 -11.28 -13.62 26.06
CA VAL D 183 -10.52 -13.13 27.22
C VAL D 183 -11.44 -12.38 28.17
N LYS D 184 -12.43 -11.65 27.63
CA LYS D 184 -13.43 -11.03 28.49
C LYS D 184 -14.18 -12.08 29.29
N TYR D 185 -14.48 -13.21 28.67
CA TYR D 185 -15.15 -14.28 29.38
C TYR D 185 -14.32 -14.71 30.59
N TRP D 186 -13.01 -14.95 30.38
CA TRP D 186 -12.10 -15.21 31.50
C TRP D 186 -12.11 -14.09 32.52
N ASN D 187 -12.12 -12.84 32.06
CA ASN D 187 -12.13 -11.69 32.95
C ASN D 187 -13.34 -11.68 33.85
N ASN D 188 -14.46 -12.24 33.39
CA ASN D 188 -15.70 -12.26 34.16
C ASN D 188 -15.83 -13.50 35.02
N ASN D 189 -14.88 -14.42 34.97
CA ASN D 189 -15.01 -15.68 35.71
C ASN D 189 -15.17 -15.40 37.20
N PRO D 190 -16.18 -15.97 37.88
CA PRO D 190 -16.32 -15.74 39.32
C PRO D 190 -15.22 -16.35 40.18
N LYS D 191 -14.38 -17.25 39.64
CA LYS D 191 -13.29 -17.77 40.46
C LYS D 191 -12.30 -16.68 40.85
N HIS D 192 -12.31 -15.52 40.18
CA HIS D 192 -11.43 -14.43 40.58
C HIS D 192 -11.99 -13.61 41.74
N GLY D 193 -13.20 -13.92 42.20
CA GLY D 193 -13.80 -13.20 43.29
C GLY D 193 -14.76 -12.13 42.79
N ASP D 194 -14.91 -11.12 43.62
CA ASP D 194 -15.85 -10.05 43.36
C ASP D 194 -15.27 -8.94 42.48
N LEU D 195 -13.94 -8.89 42.31
CA LEU D 195 -13.26 -7.90 41.47
C LEU D 195 -12.75 -8.55 40.19
N LYS D 196 -13.09 -7.99 39.05
CA LYS D 196 -12.54 -8.53 37.82
C LYS D 196 -11.02 -8.29 37.75
N PRO D 197 -10.28 -9.17 37.11
CA PRO D 197 -8.86 -8.88 36.85
C PRO D 197 -8.62 -7.53 36.18
N VAL D 198 -9.35 -7.22 35.12
CA VAL D 198 -9.11 -6.00 34.35
C VAL D 198 -10.34 -5.11 34.45
N LYS D 199 -10.12 -3.81 34.67
CA LYS D 199 -11.23 -2.88 34.72
C LYS D 199 -10.81 -1.63 33.98
N PRO D 200 -11.68 -1.05 33.14
CA PRO D 200 -12.99 -1.57 32.73
C PRO D 200 -12.80 -2.68 31.68
N SER D 201 -13.87 -3.40 31.38
CA SER D 201 -13.78 -4.47 30.39
C SER D 201 -13.33 -3.93 29.03
N PHE D 202 -13.69 -2.69 28.71
CA PHE D 202 -13.27 -2.06 27.45
C PHE D 202 -11.75 -1.99 27.32
N LEU D 203 -11.02 -2.03 28.43
CA LEU D 203 -9.57 -1.99 28.36
C LEU D 203 -9.00 -3.21 27.63
N ILE D 204 -9.63 -4.38 27.80
CA ILE D 204 -9.17 -5.56 27.06
C ILE D 204 -9.27 -5.33 25.56
N GLU D 205 -10.38 -4.71 25.11
CA GLU D 205 -10.54 -4.40 23.69
C GLU D 205 -9.50 -3.38 23.23
N VAL D 206 -9.30 -2.33 24.03
CA VAL D 206 -8.38 -1.25 23.62
C VAL D 206 -6.97 -1.78 23.53
N MSE D 207 -6.54 -2.56 24.52
CA MSE D 207 -5.22 -3.16 24.49
C MSE D 207 -5.10 -4.08 23.29
O MSE D 207 -4.08 -4.11 22.64
CB MSE D 207 -4.93 -3.92 25.78
CG MSE D 207 -4.95 -3.04 27.03
SE MSE D 207 -4.47 -4.02 28.69
CE MSE D 207 -2.67 -4.59 28.13
N ALA D 208 -6.17 -4.85 23.01
CA ALA D 208 -6.13 -5.80 21.91
C ALA D 208 -5.91 -5.13 20.57
N LEU D 209 -6.24 -3.84 20.43
CA LEU D 209 -5.97 -3.16 19.17
C LEU D 209 -4.48 -3.19 18.84
N GLU D 210 -3.61 -3.20 19.86
CA GLU D 210 -2.18 -3.32 19.63
C GLU D 210 -1.57 -4.63 20.10
N CYS D 211 -2.15 -5.29 21.10
CA CYS D 211 -1.54 -6.50 21.65
C CYS D 211 -1.80 -7.74 20.83
N LEU D 212 -2.80 -7.73 19.94
CA LEU D 212 -2.93 -8.72 18.89
C LEU D 212 -2.34 -8.07 17.63
N TYR D 213 -1.17 -8.53 17.22
CA TYR D 213 -0.38 -7.88 16.17
C TYR D 213 0.01 -8.93 15.14
N GLY D 214 0.44 -8.45 13.98
CA GLY D 214 0.68 -9.40 12.90
C GLY D 214 -0.63 -10.03 12.48
N GLY D 215 -0.59 -11.30 12.09
CA GLY D 215 -1.75 -11.98 11.56
C GLY D 215 -2.22 -13.12 12.45
N TRP D 216 -3.22 -13.82 11.95
CA TRP D 216 -3.78 -14.97 12.65
C TRP D 216 -2.97 -16.22 12.30
N GLY D 217 -2.46 -16.90 13.33
CA GLY D 217 -1.64 -18.08 13.10
C GLY D 217 -2.41 -19.35 12.85
N GLY D 218 -3.69 -19.42 13.27
CA GLY D 218 -4.51 -20.59 13.04
C GLY D 218 -4.73 -21.53 14.23
N SER D 219 -4.00 -21.36 15.35
CA SER D 219 -4.15 -22.23 16.52
C SER D 219 -4.67 -21.43 17.70
N PHE D 220 -5.93 -21.69 18.07
CA PHE D 220 -6.57 -20.89 19.13
C PHE D 220 -5.79 -20.96 20.43
N ASP D 221 -5.23 -22.11 20.78
CA ASP D 221 -4.62 -22.24 22.10
C ASP D 221 -3.35 -21.41 22.19
N ARG D 222 -2.45 -21.52 21.20
CA ARG D 222 -1.26 -20.65 21.16
C ARG D 222 -1.63 -19.18 21.09
N GLU D 223 -2.67 -18.82 20.31
CA GLU D 223 -3.10 -17.43 20.24
C GLU D 223 -3.51 -16.90 21.61
N ILE D 224 -4.26 -17.69 22.38
CA ILE D 224 -4.75 -17.22 23.68
C ILE D 224 -3.61 -17.09 24.66
N GLN D 225 -2.70 -18.08 24.67
CA GLN D 225 -1.54 -17.97 25.55
C GLN D 225 -0.75 -16.70 25.27
N SER D 226 -0.45 -16.42 24.00
CA SER D 226 0.40 -15.26 23.69
C SER D 226 -0.33 -13.96 23.96
N PHE D 227 -1.65 -13.95 23.73
CA PHE D 227 -2.48 -12.79 24.06
C PHE D 227 -2.43 -12.49 25.56
N PHE D 228 -2.66 -13.51 26.40
CA PHE D 228 -2.51 -13.33 27.84
C PHE D 228 -1.12 -12.82 28.19
N ALA D 229 -0.09 -13.44 27.64
CA ALA D 229 1.27 -13.03 27.94
C ALA D 229 1.50 -11.56 27.58
N THR D 230 1.03 -11.15 26.40
CA THR D 230 1.23 -9.75 26.00
C THR D 230 0.45 -8.79 26.89
N LEU D 231 -0.80 -9.15 27.24
CA LEU D 231 -1.59 -8.28 28.10
C LEU D 231 -0.93 -8.11 29.46
N ALA D 232 -0.39 -9.20 30.01
CA ALA D 232 0.36 -9.11 31.27
C ALA D 232 1.53 -8.13 31.14
N ASP D 233 2.32 -8.25 30.06
CA ASP D 233 3.47 -7.36 29.88
C ASP D 233 3.04 -5.90 29.81
N ARG D 234 1.88 -5.61 29.23
CA ARG D 234 1.59 -4.24 28.84
C ARG D 234 0.46 -3.61 29.63
N VAL D 235 -0.05 -4.27 30.68
CA VAL D 235 -1.19 -3.69 31.37
C VAL D 235 -0.77 -2.45 32.15
N HIS D 236 0.51 -2.24 32.43
CA HIS D 236 0.91 -1.00 33.09
C HIS D 236 1.19 0.15 32.11
N ASP D 237 1.18 -0.09 30.80
CA ASP D 237 1.38 0.99 29.84
C ASP D 237 0.20 1.97 29.89
N GLU D 238 0.42 3.18 29.40
CA GLU D 238 -0.70 4.08 29.19
C GLU D 238 -1.49 3.61 27.97
N TRP D 239 -2.82 3.65 28.08
CA TRP D 239 -3.69 3.21 27.00
C TRP D 239 -4.66 4.37 26.75
N PRO D 240 -4.30 5.27 25.84
CA PRO D 240 -5.19 6.40 25.56
C PRO D 240 -6.53 5.95 24.97
N ASP D 241 -7.52 6.80 25.17
CA ASP D 241 -8.79 6.69 24.45
C ASP D 241 -8.51 6.69 22.96
N PRO D 242 -8.82 5.60 22.23
CA PRO D 242 -8.59 5.60 20.78
C PRO D 242 -9.38 6.68 20.04
N ALA D 243 -10.47 7.18 20.60
CA ALA D 243 -11.19 8.28 19.98
C ALA D 243 -10.51 9.62 20.20
N GLY D 244 -9.54 9.71 21.09
CA GLY D 244 -8.90 10.98 21.37
C GLY D 244 -9.83 12.01 21.97
N LEU D 245 -10.91 11.57 22.63
CA LEU D 245 -11.87 12.50 23.20
C LEU D 245 -11.84 12.57 24.72
N GLY D 246 -11.43 11.50 25.40
CA GLY D 246 -11.42 11.50 26.84
C GLY D 246 -10.10 11.05 27.44
N PRO D 247 -10.10 10.86 28.76
CA PRO D 247 -8.89 10.40 29.44
C PRO D 247 -8.57 8.96 29.09
N ALA D 248 -7.37 8.55 29.47
CA ALA D 248 -6.90 7.22 29.11
C ALA D 248 -7.82 6.15 29.69
N ILE D 249 -7.96 5.06 28.95
CA ILE D 249 -8.83 3.97 29.36
C ILE D 249 -8.23 3.24 30.56
N SER D 250 -6.93 3.32 30.74
CA SER D 250 -6.27 2.64 31.85
C SER D 250 -6.22 3.48 33.11
N ASN D 251 -7.02 4.56 33.22
CA ASN D 251 -7.05 5.42 34.40
C ASN D 251 -8.01 4.95 35.49
N ASP D 252 -8.89 3.98 35.21
CA ASP D 252 -9.89 3.50 36.15
C ASP D 252 -9.31 2.66 37.27
N MSE D 253 -8.13 2.10 37.07
CA MSE D 253 -7.51 1.21 38.05
C MSE D 253 -6.44 1.96 38.80
O MSE D 253 -5.58 2.58 38.16
CB MSE D 253 -6.92 -0.04 37.37
CG MSE D 253 -7.95 -1.07 36.82
SE MSE D 253 -7.10 -2.75 36.20
CE MSE D 253 -6.14 -2.00 34.64
N ASP D 254 -6.46 1.91 40.13
CA ASP D 254 -5.31 2.41 40.88
C ASP D 254 -4.16 1.39 40.79
N ALA D 255 -3.03 1.75 41.38
CA ALA D 255 -1.82 0.96 41.21
C ALA D 255 -1.96 -0.44 41.79
N ALA D 256 -2.70 -0.60 42.89
CA ALA D 256 -2.87 -1.95 43.44
C ALA D 256 -3.70 -2.82 42.52
N ARG D 257 -4.81 -2.27 42.02
CA ARG D 257 -5.66 -3.01 41.09
C ARG D 257 -4.89 -3.40 39.82
N LYS D 258 -4.02 -2.51 39.33
CA LYS D 258 -3.21 -2.81 38.14
C LYS D 258 -2.18 -3.90 38.44
N GLN D 259 -1.59 -3.86 39.63
CA GLN D 259 -0.63 -4.91 39.96
C GLN D 259 -1.35 -6.26 40.06
N ARG D 260 -2.56 -6.29 40.62
CA ARG D 260 -3.31 -7.56 40.58
C ARG D 260 -3.60 -7.96 39.14
N ALA D 261 -4.01 -6.99 38.31
CA ALA D 261 -4.26 -7.29 36.91
C ALA D 261 -3.07 -7.98 36.27
N GLN D 262 -1.88 -7.42 36.46
CA GLN D 262 -0.73 -8.02 35.82
C GLN D 262 -0.53 -9.44 36.32
N GLN D 263 -0.69 -9.66 37.63
CA GLN D 263 -0.44 -10.99 38.18
C GLN D 263 -1.45 -12.01 37.68
N LEU D 264 -2.74 -11.65 37.65
CA LEU D 264 -3.75 -12.62 37.24
C LEU D 264 -3.63 -12.92 35.74
N LEU D 265 -3.28 -11.92 34.94
CA LEU D 265 -3.03 -12.16 33.52
C LEU D 265 -1.82 -13.07 33.33
N PHE D 266 -0.75 -12.84 34.10
CA PHE D 266 0.41 -13.71 34.01
C PHE D 266 0.05 -15.14 34.39
N GLN D 267 -0.68 -15.33 35.50
CA GLN D 267 -1.16 -16.66 35.86
C GLN D 267 -1.98 -17.30 34.73
N ALA D 268 -2.86 -16.53 34.09
CA ALA D 268 -3.64 -17.12 32.98
C ALA D 268 -2.72 -17.58 31.86
N SER D 269 -1.69 -16.79 31.53
CA SER D 269 -0.71 -17.25 30.54
C SER D 269 -0.04 -18.56 30.95
N GLN D 270 0.35 -18.69 32.23
CA GLN D 270 0.96 -19.96 32.66
C GLN D 270 -0.05 -21.11 32.57
N ASP D 271 -1.29 -20.88 33.01
CA ASP D 271 -2.32 -21.91 32.88
C ASP D 271 -2.50 -22.31 31.43
N ALA D 272 -2.56 -21.33 30.51
CA ALA D 272 -2.71 -21.64 29.10
C ALA D 272 -1.52 -22.42 28.56
N SER D 273 -0.31 -22.02 28.99
CA SER D 273 0.89 -22.73 28.55
C SER D 273 0.87 -24.17 29.04
N ILE D 274 0.33 -24.43 30.23
CA ILE D 274 0.18 -25.80 30.69
C ILE D 274 -0.81 -26.57 29.82
N ALA D 275 -1.92 -25.92 29.43
CA ALA D 275 -2.87 -26.59 28.55
C ALA D 275 -2.27 -26.87 27.17
N ILE D 276 -1.39 -25.98 26.67
CA ILE D 276 -0.72 -26.23 25.41
C ILE D 276 0.25 -27.39 25.54
N ASP D 277 0.97 -27.46 26.68
CA ASP D 277 1.92 -28.56 26.86
C ASP D 277 1.20 -29.90 26.91
N HIS D 278 0.05 -29.98 27.58
CA HIS D 278 -0.79 -31.17 27.52
C HIS D 278 -1.10 -31.58 26.09
N ALA D 279 -1.68 -30.65 25.31
CA ALA D 279 -2.10 -31.00 23.95
C ALA D 279 -0.90 -31.43 23.10
N ARG D 280 0.24 -30.75 23.28
CA ARG D 280 1.44 -31.12 22.52
C ARG D 280 1.86 -32.56 22.77
N ARG D 281 1.71 -33.04 24.00
CA ARG D 281 2.14 -34.38 24.36
C ARG D 281 1.05 -35.44 24.20
N GLY D 282 -0.07 -35.10 23.58
CA GLY D 282 -1.13 -36.05 23.34
C GLY D 282 -2.17 -36.15 24.43
N ARG D 283 -2.03 -35.41 25.54
CA ARG D 283 -2.94 -35.48 26.68
C ARG D 283 -4.11 -34.53 26.46
N ASN D 284 -5.01 -34.94 25.55
CA ASN D 284 -6.02 -34.04 25.03
C ASN D 284 -7.16 -33.80 26.02
N ILE D 285 -7.64 -34.84 26.69
CA ILE D 285 -8.60 -34.64 27.77
C ILE D 285 -8.01 -33.71 28.83
N GLU D 286 -6.75 -33.96 29.22
CA GLU D 286 -6.09 -33.09 30.18
C GLU D 286 -6.06 -31.65 29.72
N ALA D 287 -5.82 -31.44 28.41
CA ALA D 287 -5.75 -30.07 27.88
C ALA D 287 -7.10 -29.40 28.00
N LEU D 288 -8.15 -30.11 27.58
CA LEU D 288 -9.51 -29.59 27.69
C LEU D 288 -9.85 -29.23 29.14
N ARG D 289 -9.48 -30.08 30.09
CA ARG D 289 -9.83 -29.79 31.47
C ARG D 289 -9.11 -28.56 31.97
N ALA D 290 -7.88 -28.32 31.48
CA ALA D 290 -7.11 -27.15 31.88
C ALA D 290 -7.72 -25.87 31.32
N TRP D 291 -8.20 -25.94 30.08
CA TRP D 291 -8.90 -24.80 29.47
C TRP D 291 -10.23 -24.54 30.17
N ARG D 292 -10.96 -25.60 30.52
CA ARG D 292 -12.18 -25.46 31.30
C ARG D 292 -11.91 -24.76 32.64
N ALA D 293 -10.83 -25.15 33.33
CA ALA D 293 -10.46 -24.48 34.57
C ALA D 293 -10.15 -23.00 34.35
N LEU D 294 -9.48 -22.68 33.24
CA LEU D 294 -9.17 -21.29 32.96
C LEU D 294 -10.42 -20.49 32.66
N PHE D 295 -11.24 -20.96 31.71
CA PHE D 295 -12.32 -20.15 31.17
C PHE D 295 -13.62 -20.26 31.97
N GLY D 296 -13.96 -21.46 32.43
CA GLY D 296 -15.26 -21.71 33.02
C GLY D 296 -16.18 -22.60 32.16
N PRO D 297 -17.44 -22.73 32.58
CA PRO D 297 -18.29 -23.82 32.06
C PRO D 297 -18.63 -23.74 30.57
N LYS D 298 -18.72 -22.53 30.01
CA LYS D 298 -18.99 -22.43 28.57
C LYS D 298 -17.90 -23.07 27.72
N PHE D 299 -16.68 -23.26 28.23
CA PHE D 299 -15.69 -23.98 27.44
C PHE D 299 -16.08 -25.45 27.42
N PRO D 300 -16.16 -26.09 26.25
CA PRO D 300 -16.70 -27.45 26.19
C PRO D 300 -15.65 -28.52 26.48
N LEU D 301 -16.09 -29.58 27.17
CA LEU D 301 -15.31 -30.81 27.28
C LEU D 301 -15.76 -31.90 26.31
N SER D 302 -16.87 -31.68 25.60
CA SER D 302 -17.37 -32.64 24.62
C SER D 302 -18.29 -31.93 23.64
S SO4 E . -3.00 12.16 -15.29
O1 SO4 E . -2.45 11.00 -15.95
O2 SO4 E . -1.95 12.90 -14.59
O3 SO4 E . -3.64 13.04 -16.27
O4 SO4 E . -4.00 11.69 -14.31
S SO4 F . -20.55 -0.76 -36.95
O1 SO4 F . -20.08 -2.10 -36.56
O2 SO4 F . -19.48 -0.07 -37.66
O3 SO4 F . -21.70 -0.87 -37.87
O4 SO4 F . -20.97 -0.01 -35.76
S SO4 G . -4.93 14.45 -20.40
O1 SO4 G . -3.87 13.63 -20.98
O2 SO4 G . -4.37 15.42 -19.45
O3 SO4 G . -5.61 15.17 -21.48
O4 SO4 G . -5.86 13.53 -19.72
S SO4 H . -8.69 -12.18 -26.90
O1 SO4 H . -7.72 -13.17 -26.41
O2 SO4 H . -8.27 -10.76 -26.75
O3 SO4 H . -9.01 -12.41 -28.32
O4 SO4 H . -9.88 -12.39 -26.06
S SO4 I . -12.79 -8.94 -32.63
O1 SO4 I . -11.53 -8.26 -32.95
O2 SO4 I . -12.53 -10.19 -31.87
O3 SO4 I . -13.50 -9.27 -33.86
O4 SO4 I . -13.58 -8.02 -31.81
S SO4 J . -19.43 17.95 -35.76
O1 SO4 J . -18.67 18.34 -36.94
O2 SO4 J . -18.51 17.97 -34.64
O3 SO4 J . -20.03 16.63 -35.96
O4 SO4 J . -20.50 18.91 -35.45
S SO4 K . -6.40 5.26 -42.93
O1 SO4 K . -5.69 5.00 -41.67
O2 SO4 K . -6.18 6.66 -43.26
O3 SO4 K . -5.88 4.38 -43.98
O4 SO4 K . -7.85 5.04 -42.73
S SO4 L . -25.42 -2.14 -29.62
O1 SO4 L . -24.40 -2.89 -28.83
O2 SO4 L . -25.42 -0.72 -29.22
O3 SO4 L . -25.09 -2.27 -31.06
O4 SO4 L . -26.76 -2.68 -29.32
S SO4 M . -6.35 15.59 -27.37
O1 SO4 M . -5.21 15.77 -28.28
O2 SO4 M . -6.22 16.42 -26.19
O3 SO4 M . -7.58 15.92 -28.10
O4 SO4 M . -6.38 14.16 -27.02
S SO4 N . -6.84 9.77 -25.58
O1 SO4 N . -6.23 9.16 -24.41
O2 SO4 N . -6.07 10.95 -25.97
O3 SO4 N . -6.91 8.84 -26.69
O4 SO4 N . -8.18 10.17 -25.21
S SO4 O . 11.75 19.78 -3.48
O1 SO4 O . 11.43 20.07 -2.08
O2 SO4 O . 13.16 20.11 -3.73
O3 SO4 O . 10.87 20.58 -4.34
O4 SO4 O . 11.51 18.36 -3.76
S SO4 P . 11.25 21.00 2.28
O1 SO4 P . 11.39 20.68 3.71
O2 SO4 P . 12.22 22.02 1.94
O3 SO4 P . 9.89 21.46 1.97
O4 SO4 P . 11.52 19.78 1.51
S SO4 Q . 33.68 25.32 17.30
O1 SO4 Q . 34.46 24.36 16.49
O2 SO4 Q . 34.58 26.36 17.80
O3 SO4 Q . 32.67 25.98 16.48
O4 SO4 Q . 33.06 24.58 18.40
S SO4 R . 37.47 17.58 9.01
O1 SO4 R . 37.77 18.74 8.14
O2 SO4 R . 38.70 17.17 9.69
O3 SO4 R . 36.99 16.48 8.18
O4 SO4 R . 36.40 17.88 9.96
S SO4 S . 16.09 30.40 21.03
O1 SO4 S . 17.50 30.05 21.22
O2 SO4 S . 15.63 31.30 22.10
O3 SO4 S . 15.91 31.06 19.74
O4 SO4 S . 15.27 29.17 21.03
S SO4 T . 24.29 13.67 21.27
O1 SO4 T . 25.41 12.78 21.55
O2 SO4 T . 24.75 15.05 21.37
O3 SO4 T . 23.81 13.46 19.90
O4 SO4 T . 23.21 13.43 22.23
S SO4 U . 11.85 20.71 9.23
O1 SO4 U . 13.18 20.57 8.60
O2 SO4 U . 11.93 21.87 10.11
O3 SO4 U . 10.84 20.90 8.18
O4 SO4 U . 11.47 19.53 9.99
S SO4 V . 17.04 19.96 6.17
O1 SO4 V . 18.00 19.38 7.10
O2 SO4 V . 17.24 21.40 6.14
O3 SO4 V . 17.27 19.46 4.81
O4 SO4 V . 15.70 19.63 6.64
S SO4 W . 15.82 -20.32 -15.88
O1 SO4 W . 17.09 -20.86 -16.39
O2 SO4 W . 16.09 -19.21 -14.95
O3 SO4 W . 15.05 -19.87 -17.02
O4 SO4 W . 15.07 -21.36 -15.15
S SO4 X . 14.24 -24.21 -11.80
O1 SO4 X . 15.68 -24.52 -11.94
O2 SO4 X . 14.09 -22.78 -11.48
O3 SO4 X . 13.54 -24.49 -13.04
O4 SO4 X . 13.62 -24.98 -10.73
S SO4 Y . -12.75 -21.32 -13.79
O1 SO4 Y . -11.89 -22.07 -14.71
O2 SO4 Y . -11.95 -20.93 -12.63
O3 SO4 Y . -13.34 -20.17 -14.48
O4 SO4 Y . -13.84 -22.18 -13.31
S SO4 Z . -11.49 -32.99 -10.43
O1 SO4 Z . -10.87 -32.73 -9.12
O2 SO4 Z . -10.49 -33.38 -11.43
O3 SO4 Z . -12.15 -31.77 -10.90
O4 SO4 Z . -12.47 -34.05 -10.27
S SO4 AA . 3.81 -41.54 -4.48
O1 SO4 AA . 4.70 -41.73 -5.61
O2 SO4 AA . 4.05 -40.24 -3.84
O3 SO4 AA . 4.04 -42.60 -3.47
O4 SO4 AA . 2.42 -41.60 -4.95
S SO4 BA . -5.13 -26.70 2.87
O1 SO4 BA . -4.81 -26.04 1.58
O2 SO4 BA . -3.90 -26.98 3.59
O3 SO4 BA . -5.80 -27.97 2.62
O4 SO4 BA . -6.01 -25.83 3.68
S SO4 CA . 11.11 -27.76 -6.61
O1 SO4 CA . 12.44 -27.83 -7.22
O2 SO4 CA . 11.26 -27.08 -5.33
O3 SO4 CA . 10.19 -27.01 -7.50
O4 SO4 CA . 10.58 -29.11 -6.45
S SO4 DA . 7.40 -24.77 -10.02
O1 SO4 DA . 8.45 -25.20 -9.10
O2 SO4 DA . 7.74 -23.47 -10.61
O3 SO4 DA . 7.25 -25.74 -11.11
O4 SO4 DA . 6.12 -24.73 -9.32
S SO4 EA . -19.71 -29.53 27.97
O1 SO4 EA . -18.58 -30.25 28.56
O2 SO4 EA . -19.57 -28.07 28.05
O3 SO4 EA . -19.83 -29.92 26.56
O4 SO4 EA . -20.89 -29.96 28.73
S SO4 FA . -15.28 -4.60 38.76
O1 SO4 FA . -13.95 -4.62 38.16
O2 SO4 FA . -15.33 -3.53 39.76
O3 SO4 FA . -16.28 -4.37 37.70
O4 SO4 FA . -15.51 -5.91 39.40
S SO4 GA . -31.34 -19.01 16.83
O1 SO4 GA . -31.70 -18.12 17.95
O2 SO4 GA . -30.14 -18.54 16.13
O3 SO4 GA . -32.47 -19.02 15.89
O4 SO4 GA . -31.11 -20.35 17.38
S SO4 HA . -36.77 -16.41 34.27
O1 SO4 HA . -36.77 -16.61 35.73
O2 SO4 HA . -35.81 -15.35 33.97
O3 SO4 HA . -38.12 -16.00 33.86
O4 SO4 HA . -36.42 -17.66 33.58
S SO4 IA . -37.17 18.55 17.12
O1 SO4 IA . -35.79 18.12 17.02
O2 SO4 IA . -37.42 19.03 18.48
O3 SO4 IA . -37.41 19.61 16.14
O4 SO4 IA . -38.10 17.44 16.85
S SO4 JA . -17.17 -12.66 11.44
O1 SO4 JA . -16.80 -11.49 10.63
O2 SO4 JA . -16.53 -12.58 12.76
O3 SO4 JA . -16.72 -13.91 10.78
O4 SO4 JA . -18.62 -12.71 11.65
S SO4 KA . -17.92 -1.54 26.42
O1 SO4 KA . -16.62 -1.74 25.76
O2 SO4 KA . -17.82 -0.61 27.54
O3 SO4 KA . -18.87 -1.00 25.47
O4 SO4 KA . -18.37 -2.84 26.91
S SO4 LA . -18.50 -7.36 28.46
O1 SO4 LA . -17.96 -8.08 29.61
O2 SO4 LA . -17.76 -6.14 28.23
O3 SO4 LA . -18.41 -8.26 27.32
O4 SO4 LA . -19.89 -6.99 28.68
#